data_3SYN
#
_entry.id   3SYN
#
_cell.length_a   50.790
_cell.length_b   63.360
_cell.length_c   114.500
_cell.angle_alpha   92.26
_cell.angle_beta   100.96
_cell.angle_gamma   94.25
#
_symmetry.space_group_name_H-M   'P 1'
#
loop_
_entity.id
_entity.type
_entity.pdbx_description
1 polymer 'Flagellar biosynthesis protein flhF'
2 polymer 'ATP-binding protein YlxH'
3 non-polymer "GUANOSINE-5'-DIPHOSPHATE"
4 non-polymer 'MAGNESIUM ION'
5 non-polymer 'ALUMINUM FLUORIDE'
6 non-polymer 'SULFATE ION'
7 water water
#
loop_
_entity_poly.entity_id
_entity_poly.type
_entity_poly.pdbx_seq_one_letter_code
_entity_poly.pdbx_strand_id
1 'polypeptide(L)'
;MGHHHHHHSSPKIEERTYPPQIPAQQELGDFSAYQSVLPEPLRKAEKLLQETGIKESTKTNTLKKLLRFSVEAGGLTEEN
VVGKLQEILCDMLPSADKWQEPIHSKYIVLFGSTGAGKTTTLAKLAAISMLEKHKKIAFITTDTYRIAAVEQLKTYAELL
QAPLEVCYTKEEFQQAKELFSEYDHVFVDTAGRNFKDPQYIDELKETIPFESSIQSFLVLSATAKYEDMKHIVKRFSSVP
VNQYIFTKIDETTSLGSVFNILAESKIGVGFMTNGQNVPEDIQTVSPLGFVRMLCR
;
A,B,C,D
2 'polypeptide(L)' MQMNRYDQAATLRAKMEKRERVL E,F,G,H
#
loop_
_chem_comp.id
_chem_comp.type
_chem_comp.name
_chem_comp.formula
AF3 non-polymer 'ALUMINUM FLUORIDE' 'Al F3'
GDP RNA linking GUANOSINE-5'-DIPHOSPHATE 'C10 H15 N5 O11 P2'
MG non-polymer 'MAGNESIUM ION' 'Mg 2'
SO4 non-polymer 'SULFATE ION' 'O4 S -2'
#
# COMPACT_ATOMS: atom_id res chain seq x y z
N PRO A 39 45.87 -27.83 -43.09
CA PRO A 39 45.75 -28.24 -41.68
C PRO A 39 44.73 -29.37 -41.53
N GLU A 40 44.95 -30.33 -40.65
CA GLU A 40 44.00 -31.45 -40.51
C GLU A 40 42.95 -31.31 -39.39
N PRO A 41 43.26 -31.74 -38.15
CA PRO A 41 42.22 -31.56 -37.13
C PRO A 41 41.93 -30.09 -36.82
N LEU A 42 42.90 -29.21 -37.08
CA LEU A 42 42.70 -27.78 -36.85
C LEU A 42 41.59 -27.23 -37.70
N ARG A 43 41.22 -27.96 -38.74
CA ARG A 43 40.11 -27.56 -39.57
C ARG A 43 38.83 -27.86 -38.79
N LYS A 44 38.87 -28.92 -38.00
CA LYS A 44 37.75 -29.32 -37.15
C LYS A 44 37.58 -28.33 -36.02
N ALA A 45 38.66 -28.07 -35.28
CA ALA A 45 38.64 -27.06 -34.23
C ALA A 45 38.09 -25.74 -34.77
N GLU A 46 38.51 -25.38 -35.98
CA GLU A 46 38.01 -24.17 -36.60
C GLU A 46 36.51 -24.24 -36.76
N LYS A 47 36.01 -25.46 -36.97
CA LYS A 47 34.59 -25.69 -37.22
C LYS A 47 33.77 -25.47 -35.94
N LEU A 48 34.19 -26.12 -34.86
CA LEU A 48 33.59 -25.91 -33.54
C LEU A 48 33.40 -24.43 -33.24
N LEU A 49 34.51 -23.75 -33.02
CA LEU A 49 34.51 -22.32 -32.80
C LEU A 49 33.49 -21.59 -33.66
N GLN A 50 33.27 -22.09 -34.87
CA GLN A 50 32.31 -21.45 -35.79
C GLN A 50 30.90 -21.51 -35.22
N GLU A 51 30.54 -22.69 -34.73
CA GLU A 51 29.20 -22.96 -34.24
C GLU A 51 28.88 -22.21 -32.95
N THR A 52 29.85 -22.13 -32.05
CA THR A 52 29.69 -21.29 -30.87
C THR A 52 29.61 -19.88 -31.40
N GLY A 53 28.92 -19.00 -30.70
CA GLY A 53 28.75 -17.66 -31.23
C GLY A 53 29.86 -16.69 -30.85
N ILE A 54 31.05 -17.20 -30.61
CA ILE A 54 32.15 -16.38 -30.16
C ILE A 54 32.46 -15.29 -31.17
N LYS A 55 33.14 -14.24 -30.73
CA LYS A 55 33.52 -13.19 -31.66
C LYS A 55 34.84 -13.46 -32.41
N GLU A 56 34.90 -12.97 -33.64
CA GLU A 56 35.99 -13.26 -34.56
C GLU A 56 37.36 -13.12 -33.94
N SER A 57 37.63 -11.94 -33.40
CA SER A 57 38.88 -11.70 -32.70
C SER A 57 39.19 -12.91 -31.85
N THR A 58 38.28 -13.23 -30.95
CA THR A 58 38.50 -14.34 -30.03
C THR A 58 38.70 -15.64 -30.78
N LYS A 59 37.80 -15.93 -31.70
CA LYS A 59 37.91 -17.15 -32.49
C LYS A 59 39.33 -17.29 -32.99
N THR A 60 39.77 -16.24 -33.68
CA THR A 60 41.11 -16.23 -34.26
C THR A 60 42.17 -16.50 -33.22
N ASN A 61 42.21 -15.66 -32.19
CA ASN A 61 43.25 -15.74 -31.19
C ASN A 61 43.35 -17.12 -30.54
N THR A 62 42.26 -17.88 -30.62
CA THR A 62 42.20 -19.21 -30.03
C THR A 62 42.94 -20.16 -30.92
N LEU A 63 42.69 -20.08 -32.22
CA LEU A 63 43.45 -20.85 -33.19
C LEU A 63 44.94 -20.51 -33.11
N LYS A 64 45.30 -19.23 -32.96
CA LYS A 64 46.71 -18.89 -32.80
C LYS A 64 47.29 -19.69 -31.65
N LYS A 65 46.76 -19.52 -30.45
CA LYS A 65 47.28 -20.23 -29.27
C LYS A 65 47.30 -21.72 -29.53
N LEU A 66 46.24 -22.22 -30.16
CA LEU A 66 46.13 -23.64 -30.44
C LEU A 66 47.28 -24.06 -31.33
N LEU A 67 47.36 -23.46 -32.51
CA LEU A 67 48.41 -23.71 -33.50
C LEU A 67 49.80 -23.62 -32.88
N ARG A 68 50.09 -22.48 -32.28
CA ARG A 68 51.34 -22.30 -31.54
C ARG A 68 51.70 -23.50 -30.69
N PHE A 69 50.90 -23.78 -29.68
CA PHE A 69 51.15 -24.93 -28.82
C PHE A 69 51.46 -26.22 -29.58
N SER A 70 50.60 -26.59 -30.51
CA SER A 70 50.69 -27.90 -31.15
C SER A 70 51.85 -28.06 -32.11
N VAL A 71 52.19 -27.00 -32.84
CA VAL A 71 53.34 -27.05 -33.73
C VAL A 71 54.61 -27.37 -32.95
N GLU A 72 54.72 -26.79 -31.75
CA GLU A 72 55.98 -26.84 -30.99
C GLU A 72 55.96 -27.91 -29.90
N ALA A 73 54.89 -28.69 -29.83
CA ALA A 73 54.74 -29.65 -28.73
C ALA A 73 53.89 -30.86 -29.09
N GLY A 74 54.53 -31.87 -29.66
CA GLY A 74 53.86 -33.14 -29.92
C GLY A 74 52.80 -33.08 -31.00
N GLY A 75 51.99 -34.12 -31.07
CA GLY A 75 50.97 -34.23 -32.10
C GLY A 75 49.55 -34.39 -31.57
N LEU A 76 48.62 -33.66 -32.17
CA LEU A 76 47.25 -33.67 -31.73
C LEU A 76 46.36 -34.40 -32.74
N THR A 77 45.51 -35.29 -32.23
CA THR A 77 44.63 -36.08 -33.08
C THR A 77 43.36 -35.32 -33.42
N GLU A 78 42.54 -35.90 -34.29
CA GLU A 78 41.18 -35.43 -34.51
C GLU A 78 40.34 -35.69 -33.25
N GLU A 79 40.81 -36.65 -32.46
CA GLU A 79 40.13 -37.00 -31.24
C GLU A 79 40.41 -35.96 -30.15
N ASN A 80 41.68 -35.71 -29.85
CA ASN A 80 42.06 -34.94 -28.67
C ASN A 80 42.11 -33.41 -28.82
N VAL A 81 41.68 -32.91 -29.98
CA VAL A 81 41.70 -31.46 -30.24
C VAL A 81 40.84 -30.77 -29.21
N VAL A 82 39.55 -31.09 -29.28
CA VAL A 82 38.51 -30.50 -28.45
C VAL A 82 38.97 -30.26 -27.03
N GLY A 83 39.52 -31.28 -26.41
CA GLY A 83 40.07 -31.13 -25.08
C GLY A 83 40.95 -29.90 -24.97
N LYS A 84 41.97 -29.82 -25.82
CA LYS A 84 42.94 -28.74 -25.76
C LYS A 84 42.25 -27.41 -26.04
N LEU A 85 41.38 -27.42 -27.06
CA LEU A 85 40.58 -26.27 -27.42
C LEU A 85 39.85 -25.68 -26.19
N GLN A 86 39.12 -26.55 -25.49
CA GLN A 86 38.35 -26.15 -24.34
C GLN A 86 39.21 -25.57 -23.25
N GLU A 87 40.36 -26.20 -23.00
CA GLU A 87 41.28 -25.65 -22.02
C GLU A 87 41.67 -24.22 -22.37
N ILE A 88 41.91 -23.97 -23.66
CA ILE A 88 42.39 -22.67 -24.08
C ILE A 88 41.35 -21.58 -23.83
N LEU A 89 40.10 -21.90 -24.18
CA LEU A 89 38.96 -21.00 -24.00
C LEU A 89 38.73 -20.73 -22.52
N CYS A 90 38.72 -21.82 -21.76
CA CYS A 90 38.54 -21.74 -20.35
C CYS A 90 39.57 -20.80 -19.70
N ASP A 91 40.77 -20.76 -20.24
CA ASP A 91 41.82 -19.96 -19.62
C ASP A 91 41.56 -18.48 -19.80
N MET A 92 40.56 -18.15 -20.61
CA MET A 92 40.26 -16.76 -20.90
C MET A 92 39.17 -16.26 -19.95
N LEU A 93 38.54 -17.21 -19.26
CA LEU A 93 37.50 -16.87 -18.31
C LEU A 93 38.12 -16.69 -16.94
N PRO A 94 37.45 -15.93 -16.06
CA PRO A 94 37.97 -15.73 -14.70
C PRO A 94 38.23 -17.04 -13.99
N SER A 95 39.18 -17.04 -13.05
CA SER A 95 39.54 -18.27 -12.37
C SER A 95 38.34 -18.85 -11.67
N ALA A 96 38.33 -20.17 -11.52
CA ALA A 96 37.17 -20.85 -10.95
C ALA A 96 36.76 -20.37 -9.55
N ASP A 97 37.70 -19.92 -8.75
CA ASP A 97 37.35 -19.51 -7.41
C ASP A 97 36.44 -18.28 -7.48
N LYS A 98 36.29 -17.74 -8.68
CA LYS A 98 35.44 -16.56 -8.89
C LYS A 98 34.12 -16.93 -9.56
N TRP A 99 33.86 -18.23 -9.66
CA TRP A 99 32.56 -18.73 -10.09
C TRP A 99 31.90 -19.47 -8.92
N GLN A 100 30.60 -19.68 -9.02
CA GLN A 100 29.92 -20.55 -8.08
C GLN A 100 30.15 -20.12 -6.63
N GLU A 101 30.30 -18.81 -6.43
CA GLU A 101 30.29 -18.26 -5.09
C GLU A 101 28.94 -18.57 -4.49
N PRO A 102 28.93 -19.23 -3.34
CA PRO A 102 27.68 -19.60 -2.67
C PRO A 102 27.06 -18.40 -1.98
N ILE A 103 25.78 -18.51 -1.67
CA ILE A 103 25.09 -17.51 -0.89
C ILE A 103 25.49 -17.55 0.60
N HIS A 104 26.12 -16.48 1.06
CA HIS A 104 26.50 -16.34 2.47
C HIS A 104 25.96 -15.06 3.10
N SER A 105 26.00 -13.97 2.34
CA SER A 105 25.65 -12.67 2.89
C SER A 105 24.20 -12.61 3.31
N LYS A 106 23.87 -11.70 4.21
CA LYS A 106 22.50 -11.64 4.71
C LYS A 106 21.56 -11.19 3.59
N TYR A 107 21.94 -10.10 2.91
CA TYR A 107 21.15 -9.53 1.83
C TYR A 107 21.57 -10.02 0.45
N ILE A 108 20.61 -10.53 -0.31
CA ILE A 108 20.87 -11.02 -1.65
C ILE A 108 20.08 -10.16 -2.64
N VAL A 109 20.78 -9.41 -3.49
CA VAL A 109 20.16 -8.48 -4.42
C VAL A 109 20.36 -8.90 -5.86
N LEU A 110 19.28 -8.93 -6.64
CA LEU A 110 19.41 -9.09 -8.07
C LEU A 110 18.93 -7.82 -8.76
N PHE A 111 19.72 -7.33 -9.70
CA PHE A 111 19.27 -6.26 -10.56
C PHE A 111 19.67 -6.62 -11.97
N GLY A 112 19.00 -6.05 -12.96
CA GLY A 112 19.29 -6.39 -14.33
C GLY A 112 18.29 -5.88 -15.33
N SER A 113 18.32 -6.45 -16.54
CA SER A 113 17.51 -5.94 -17.64
C SER A 113 16.06 -6.26 -17.44
N THR A 114 15.21 -5.55 -18.17
CA THR A 114 13.77 -5.73 -18.08
C THR A 114 13.37 -7.09 -18.66
N GLY A 115 12.63 -7.86 -17.88
CA GLY A 115 12.10 -9.11 -18.39
C GLY A 115 13.08 -10.26 -18.38
N ALA A 116 14.31 -10.00 -17.95
CA ALA A 116 15.36 -11.00 -17.95
C ALA A 116 15.09 -12.22 -17.04
N GLY A 117 14.23 -12.05 -16.03
CA GLY A 117 13.89 -13.17 -15.18
C GLY A 117 14.34 -13.01 -13.75
N LYS A 118 14.64 -11.77 -13.35
CA LYS A 118 15.11 -11.48 -12.00
C LYS A 118 14.15 -11.99 -10.92
N THR A 119 12.92 -11.49 -10.90
CA THR A 119 11.93 -11.96 -9.94
C THR A 119 11.85 -13.50 -9.86
N THR A 120 11.72 -14.14 -11.02
CA THR A 120 11.54 -15.58 -11.03
C THR A 120 12.75 -16.26 -10.42
N THR A 121 13.91 -15.72 -10.72
CA THR A 121 15.14 -16.29 -10.21
C THR A 121 15.23 -16.07 -8.69
N LEU A 122 14.84 -14.88 -8.24
CA LEU A 122 14.84 -14.60 -6.80
C LEU A 122 14.02 -15.63 -6.06
N ALA A 123 12.85 -15.94 -6.60
CA ALA A 123 12.01 -16.94 -5.96
C ALA A 123 12.76 -18.26 -5.83
N LYS A 124 13.35 -18.70 -6.93
CA LYS A 124 14.08 -19.97 -6.94
C LYS A 124 15.15 -19.97 -5.87
N LEU A 125 16.00 -18.95 -5.88
CA LEU A 125 17.07 -18.80 -4.89
C LEU A 125 16.55 -18.92 -3.48
N ALA A 126 15.46 -18.21 -3.19
CA ALA A 126 14.88 -18.16 -1.86
C ALA A 126 14.36 -19.53 -1.44
N ALA A 127 13.59 -20.14 -2.32
CA ALA A 127 13.09 -21.49 -2.11
C ALA A 127 14.21 -22.46 -1.72
N ILE A 128 15.36 -22.31 -2.36
CA ILE A 128 16.49 -23.17 -2.04
C ILE A 128 16.97 -22.88 -0.64
N SER A 129 17.10 -21.60 -0.31
CA SER A 129 17.59 -21.21 1.00
C SER A 129 16.70 -21.75 2.10
N MET A 130 15.39 -21.59 1.96
CA MET A 130 14.49 -22.11 3.00
C MET A 130 14.44 -23.62 3.03
N LEU A 131 13.94 -24.20 1.94
CA LEU A 131 13.67 -25.63 1.89
C LEU A 131 14.90 -26.54 1.96
N GLU A 132 15.89 -26.30 1.11
CA GLU A 132 17.08 -27.14 1.12
C GLU A 132 18.03 -26.82 2.24
N LYS A 133 18.25 -25.54 2.50
CA LYS A 133 19.26 -25.16 3.49
C LYS A 133 18.67 -24.74 4.83
N HIS A 134 17.35 -24.71 4.91
CA HIS A 134 16.65 -24.52 6.18
C HIS A 134 16.95 -23.19 6.85
N LYS A 135 16.71 -22.09 6.13
CA LYS A 135 17.03 -20.75 6.62
C LYS A 135 15.81 -19.83 6.83
N LYS A 136 15.94 -18.91 7.78
CA LYS A 136 14.92 -17.90 8.01
C LYS A 136 15.06 -16.85 6.93
N ILE A 137 14.08 -16.78 6.03
CA ILE A 137 14.18 -15.87 4.91
C ILE A 137 13.08 -14.83 4.89
N ALA A 138 13.33 -13.74 4.16
CA ALA A 138 12.38 -12.65 4.03
C ALA A 138 12.69 -11.90 2.75
N PHE A 139 11.71 -11.14 2.25
CA PHE A 139 11.87 -10.41 1.01
C PHE A 139 11.80 -8.92 1.16
N ILE A 140 12.55 -8.22 0.33
CA ILE A 140 12.26 -6.82 0.08
C ILE A 140 12.06 -6.70 -1.39
N THR A 141 11.09 -5.93 -1.81
CA THR A 141 11.05 -5.55 -3.21
C THR A 141 11.10 -4.05 -3.36
N THR A 142 11.67 -3.64 -4.48
CA THR A 142 11.95 -2.25 -4.74
C THR A 142 11.23 -1.87 -6.03
N ASP A 143 10.71 -2.89 -6.74
CA ASP A 143 10.05 -2.72 -8.02
C ASP A 143 8.64 -2.21 -7.87
N THR A 144 8.55 -0.91 -7.62
CA THR A 144 7.27 -0.21 -7.55
C THR A 144 6.81 0.15 -8.95
N TYR A 145 7.74 0.16 -9.88
CA TYR A 145 7.48 0.69 -11.20
C TYR A 145 6.61 -0.18 -12.07
N ARG A 146 6.94 -1.46 -12.23
CA ARG A 146 6.20 -2.27 -13.18
C ARG A 146 4.97 -2.92 -12.58
N ILE A 147 3.91 -2.91 -13.36
CA ILE A 147 2.60 -3.30 -12.88
C ILE A 147 2.52 -4.77 -12.49
N ALA A 148 2.14 -4.98 -11.23
CA ALA A 148 1.92 -6.30 -10.61
C ALA A 148 3.21 -6.97 -10.20
N ALA A 149 4.31 -6.24 -10.27
CA ALA A 149 5.58 -6.81 -9.87
C ALA A 149 5.55 -7.13 -8.38
N VAL A 150 4.85 -6.32 -7.59
CA VAL A 150 4.78 -6.61 -6.17
C VAL A 150 3.87 -7.81 -5.91
N GLU A 151 2.74 -7.86 -6.58
CA GLU A 151 1.88 -9.02 -6.41
C GLU A 151 2.73 -10.25 -6.70
N GLN A 152 3.43 -10.21 -7.83
CA GLN A 152 4.24 -11.33 -8.24
C GLN A 152 5.07 -11.85 -7.07
N LEU A 153 5.96 -11.02 -6.53
CA LEU A 153 6.81 -11.48 -5.45
C LEU A 153 6.01 -11.83 -4.21
N LYS A 154 4.92 -11.10 -3.97
CA LYS A 154 4.07 -11.35 -2.81
C LYS A 154 3.60 -12.81 -2.85
N THR A 155 3.12 -13.25 -4.01
CA THR A 155 2.50 -14.55 -4.04
C THR A 155 3.55 -15.63 -3.77
N TYR A 156 4.79 -15.36 -4.18
CA TYR A 156 5.91 -16.25 -3.84
C TYR A 156 6.17 -16.25 -2.34
N ALA A 157 6.15 -15.06 -1.75
CA ALA A 157 6.44 -14.93 -0.35
C ALA A 157 5.34 -15.59 0.44
N GLU A 158 4.12 -15.52 -0.09
CA GLU A 158 3.00 -16.13 0.62
C GLU A 158 3.15 -17.64 0.60
N LEU A 159 3.45 -18.21 -0.57
CA LEU A 159 3.71 -19.65 -0.70
C LEU A 159 4.79 -20.12 0.27
N LEU A 160 5.87 -19.36 0.35
CA LEU A 160 7.00 -19.65 1.21
C LEU A 160 6.78 -19.21 2.64
N GLN A 161 5.62 -18.62 2.90
CA GLN A 161 5.32 -18.13 4.23
C GLN A 161 6.43 -17.26 4.80
N ALA A 162 6.89 -16.30 4.00
CA ALA A 162 7.91 -15.34 4.48
C ALA A 162 7.37 -13.94 4.34
N PRO A 163 7.85 -13.04 5.21
CA PRO A 163 7.39 -11.65 5.19
C PRO A 163 7.99 -10.88 4.00
N LEU A 164 7.38 -9.76 3.62
CA LEU A 164 7.79 -9.01 2.43
C LEU A 164 7.58 -7.52 2.65
N GLU A 165 8.64 -6.73 2.47
CA GLU A 165 8.55 -5.29 2.57
C GLU A 165 8.78 -4.60 1.22
N VAL A 166 7.87 -3.72 0.83
CA VAL A 166 8.07 -2.87 -0.33
C VAL A 166 8.82 -1.59 0.07
N CYS A 167 9.85 -1.23 -0.68
CA CYS A 167 10.64 -0.05 -0.33
C CYS A 167 10.75 0.92 -1.48
N TYR A 168 10.33 2.16 -1.25
CA TYR A 168 10.40 3.20 -2.27
C TYR A 168 11.66 4.02 -2.11
N THR A 169 12.26 3.96 -0.93
CA THR A 169 13.39 4.82 -0.62
C THR A 169 14.45 4.09 0.18
N LYS A 170 15.67 4.60 0.16
CA LYS A 170 16.72 3.96 0.93
C LYS A 170 16.35 3.89 2.42
N GLU A 171 15.64 4.90 2.91
CA GLU A 171 15.28 4.97 4.32
C GLU A 171 14.39 3.79 4.64
N GLU A 172 13.34 3.64 3.86
CA GLU A 172 12.45 2.52 4.04
C GLU A 172 13.23 1.22 4.02
N PHE A 173 14.17 1.11 3.07
CA PHE A 173 15.03 -0.06 3.01
C PHE A 173 15.82 -0.23 4.32
N GLN A 174 16.43 0.85 4.77
CA GLN A 174 17.21 0.81 5.99
C GLN A 174 16.31 0.39 7.15
N GLN A 175 15.08 0.90 7.16
CA GLN A 175 14.12 0.53 8.17
C GLN A 175 13.85 -0.97 8.09
N ALA A 176 13.45 -1.43 6.91
CA ALA A 176 13.19 -2.84 6.69
C ALA A 176 14.28 -3.72 7.31
N LYS A 177 15.53 -3.29 7.16
CA LYS A 177 16.69 -3.94 7.75
C LYS A 177 16.53 -4.19 9.25
N GLU A 178 16.00 -3.19 9.96
CA GLU A 178 15.70 -3.34 11.38
C GLU A 178 14.74 -4.51 11.64
N LEU A 179 13.63 -4.53 10.91
CA LEU A 179 12.60 -5.54 11.13
C LEU A 179 13.16 -6.94 10.88
N PHE A 180 14.01 -7.04 9.88
CA PHE A 180 14.49 -8.35 9.47
C PHE A 180 15.80 -8.74 10.12
N SER A 181 16.17 -8.04 11.19
CA SER A 181 17.45 -8.29 11.84
C SER A 181 17.59 -9.71 12.36
N GLU A 182 16.46 -10.37 12.67
CA GLU A 182 16.51 -11.74 13.18
C GLU A 182 16.59 -12.81 12.08
N TYR A 183 16.66 -12.38 10.82
CA TYR A 183 16.60 -13.35 9.73
C TYR A 183 17.97 -13.74 9.22
N ASP A 184 18.03 -14.84 8.48
CA ASP A 184 19.28 -15.31 7.91
C ASP A 184 19.54 -14.65 6.59
N HIS A 185 18.53 -14.68 5.72
CA HIS A 185 18.63 -14.08 4.40
C HIS A 185 17.44 -13.25 4.00
N VAL A 186 17.75 -12.09 3.42
CA VAL A 186 16.74 -11.24 2.87
C VAL A 186 16.99 -11.13 1.38
N PHE A 187 16.07 -11.66 0.59
CA PHE A 187 16.19 -11.59 -0.86
C PHE A 187 15.54 -10.33 -1.39
N VAL A 188 16.33 -9.51 -2.08
CA VAL A 188 15.88 -8.19 -2.49
C VAL A 188 15.66 -8.16 -4.01
N ASP A 189 14.46 -7.81 -4.44
CA ASP A 189 14.16 -7.70 -5.86
C ASP A 189 14.19 -6.24 -6.26
N THR A 190 14.39 -5.96 -7.55
CA THR A 190 14.47 -4.58 -8.03
C THR A 190 13.84 -4.42 -9.40
N ALA A 191 13.52 -3.19 -9.77
CA ALA A 191 12.85 -2.93 -11.03
C ALA A 191 13.85 -2.90 -12.15
N GLY A 192 13.53 -3.62 -13.20
CA GLY A 192 14.37 -3.68 -14.38
C GLY A 192 14.29 -2.37 -15.13
N ARG A 193 15.44 -1.88 -15.56
CA ARG A 193 15.51 -0.64 -16.30
C ARG A 193 16.40 -0.77 -17.52
N ASN A 194 16.37 0.28 -18.32
CA ASN A 194 17.22 0.42 -19.47
C ASN A 194 18.54 0.99 -18.99
N PHE A 195 19.40 0.12 -18.47
CA PHE A 195 20.61 0.54 -17.78
C PHE A 195 21.69 1.07 -18.69
N LYS A 196 21.44 1.06 -20.00
CA LYS A 196 22.27 1.84 -20.92
C LYS A 196 22.27 3.28 -20.44
N ASP A 197 21.07 3.85 -20.32
CA ASP A 197 20.90 5.15 -19.70
C ASP A 197 21.29 5.03 -18.23
N PRO A 198 22.13 5.96 -17.75
CA PRO A 198 22.74 5.75 -16.45
C PRO A 198 21.99 6.37 -15.27
N GLN A 199 20.92 7.10 -15.52
CA GLN A 199 20.17 7.64 -14.39
C GLN A 199 19.62 6.52 -13.53
N TYR A 200 19.42 5.36 -14.15
CA TYR A 200 18.85 4.24 -13.44
C TYR A 200 19.91 3.57 -12.61
N ILE A 201 21.15 3.65 -13.07
CA ILE A 201 22.26 3.22 -12.25
C ILE A 201 22.27 4.12 -11.02
N ASP A 202 22.05 5.41 -11.25
CA ASP A 202 21.99 6.34 -10.14
C ASP A 202 20.82 5.96 -9.23
N GLU A 203 19.63 5.90 -9.82
CA GLU A 203 18.46 5.48 -9.08
C GLU A 203 18.82 4.27 -8.20
N LEU A 204 19.33 3.22 -8.83
CA LEU A 204 19.65 2.00 -8.10
C LEU A 204 20.59 2.22 -6.92
N LYS A 205 21.71 2.88 -7.20
CA LYS A 205 22.70 3.20 -6.17
C LYS A 205 22.07 4.05 -5.08
N GLU A 206 21.11 4.89 -5.44
CA GLU A 206 20.50 5.74 -4.44
C GLU A 206 19.35 5.05 -3.69
N THR A 207 19.15 3.77 -3.98
CA THR A 207 18.10 3.03 -3.29
C THR A 207 18.64 1.88 -2.46
N ILE A 208 19.72 1.27 -2.94
CA ILE A 208 20.33 0.14 -2.23
C ILE A 208 21.58 0.59 -1.43
N PRO A 209 21.64 0.21 -0.15
CA PRO A 209 22.86 0.37 0.65
C PRO A 209 23.80 -0.79 0.37
N PHE A 210 24.86 -0.57 -0.42
CA PHE A 210 25.83 -1.62 -0.71
C PHE A 210 26.93 -1.70 0.32
N GLU A 211 26.91 -0.73 1.24
CA GLU A 211 27.61 -0.75 2.52
C GLU A 211 27.48 -2.05 3.30
N SER A 212 26.35 -2.72 3.11
CA SER A 212 25.93 -3.79 4.02
C SER A 212 26.60 -5.13 3.77
N SER A 213 26.24 -6.11 4.58
CA SER A 213 26.54 -7.50 4.28
C SER A 213 25.63 -7.90 3.12
N ILE A 214 26.16 -7.84 1.90
CA ILE A 214 25.33 -7.97 0.71
C ILE A 214 26.04 -8.58 -0.51
N GLN A 215 25.41 -9.59 -1.11
CA GLN A 215 25.90 -10.17 -2.37
C GLN A 215 25.01 -9.70 -3.49
N SER A 216 25.61 -9.16 -4.54
CA SER A 216 24.83 -8.52 -5.59
C SER A 216 25.05 -9.23 -6.91
N PHE A 217 23.98 -9.66 -7.55
CA PHE A 217 24.08 -10.40 -8.80
C PHE A 217 23.52 -9.59 -9.97
N LEU A 218 24.34 -9.43 -10.99
CA LEU A 218 23.87 -8.78 -12.19
C LEU A 218 23.20 -9.85 -13.04
N VAL A 219 21.97 -9.59 -13.48
CA VAL A 219 21.21 -10.60 -14.21
C VAL A 219 21.04 -10.26 -15.68
N LEU A 220 21.53 -11.14 -16.54
CA LEU A 220 21.40 -10.90 -17.98
C LEU A 220 20.81 -12.11 -18.66
N SER A 221 20.12 -11.86 -19.76
CA SER A 221 19.47 -12.91 -20.53
C SER A 221 20.42 -13.56 -21.55
N ALA A 222 20.55 -14.87 -21.49
CA ALA A 222 21.37 -15.60 -22.44
C ALA A 222 20.91 -15.35 -23.86
N THR A 223 19.75 -14.70 -24.02
CA THR A 223 19.21 -14.44 -25.34
C THR A 223 19.63 -13.08 -25.91
N ALA A 224 20.33 -12.30 -25.08
CA ALA A 224 20.77 -10.93 -25.40
C ALA A 224 21.99 -10.85 -26.30
N LYS A 225 22.01 -9.81 -27.12
CA LYS A 225 23.14 -9.53 -27.99
C LYS A 225 24.36 -9.02 -27.21
N TYR A 226 25.51 -9.58 -27.54
CA TYR A 226 26.75 -9.21 -26.89
C TYR A 226 26.97 -7.71 -26.87
N GLU A 227 26.76 -7.06 -28.00
CA GLU A 227 27.02 -5.62 -28.07
C GLU A 227 26.13 -4.88 -27.08
N ASP A 228 24.94 -5.43 -26.80
CA ASP A 228 24.06 -4.82 -25.82
C ASP A 228 24.63 -5.01 -24.42
N MET A 229 24.84 -6.28 -24.04
CA MET A 229 25.38 -6.61 -22.72
C MET A 229 26.66 -5.85 -22.42
N LYS A 230 27.51 -5.72 -23.45
CA LYS A 230 28.79 -5.03 -23.29
C LYS A 230 28.57 -3.68 -22.65
N HIS A 231 27.59 -2.94 -23.18
CA HIS A 231 27.28 -1.60 -22.70
C HIS A 231 26.73 -1.65 -21.29
N ILE A 232 25.79 -2.56 -21.05
CA ILE A 232 25.23 -2.69 -19.72
C ILE A 232 26.35 -2.88 -18.71
N VAL A 233 27.26 -3.79 -19.00
CA VAL A 233 28.29 -4.09 -18.03
C VAL A 233 29.19 -2.87 -17.74
N LYS A 234 29.35 -2.00 -18.73
CA LYS A 234 30.12 -0.78 -18.52
C LYS A 234 29.41 0.12 -17.54
N ARG A 235 28.11 0.31 -17.76
CA ARG A 235 27.32 1.17 -16.91
C ARG A 235 27.31 0.68 -15.46
N PHE A 236 27.34 -0.63 -15.28
CA PHE A 236 27.36 -1.20 -13.95
C PHE A 236 28.73 -1.14 -13.29
N SER A 237 29.69 -0.55 -13.99
CA SER A 237 31.05 -0.44 -13.47
C SER A 237 31.11 0.15 -12.05
N SER A 238 30.34 1.21 -11.80
CA SER A 238 30.42 1.91 -10.52
C SER A 238 29.62 1.26 -9.40
N VAL A 239 29.14 0.04 -9.61
CA VAL A 239 28.38 -0.65 -8.59
C VAL A 239 28.96 -2.04 -8.34
N PRO A 240 29.03 -2.46 -7.06
CA PRO A 240 29.80 -3.65 -6.66
C PRO A 240 29.08 -4.97 -6.94
N VAL A 241 29.05 -5.37 -8.21
CA VAL A 241 28.56 -6.68 -8.61
C VAL A 241 29.49 -7.81 -8.19
N ASN A 242 28.95 -8.85 -7.57
CA ASN A 242 29.76 -9.97 -7.12
C ASN A 242 29.78 -11.14 -8.11
N GLN A 243 28.65 -11.38 -8.76
CA GLN A 243 28.49 -12.50 -9.66
C GLN A 243 27.51 -12.13 -10.77
N TYR A 244 27.59 -12.84 -11.88
CA TYR A 244 26.59 -12.75 -12.92
C TYR A 244 25.54 -13.85 -12.69
N ILE A 245 24.35 -13.65 -13.24
CA ILE A 245 23.39 -14.73 -13.39
C ILE A 245 22.91 -14.67 -14.84
N PHE A 246 22.96 -15.80 -15.51
CA PHE A 246 22.49 -15.84 -16.88
C PHE A 246 21.24 -16.67 -16.95
N THR A 247 20.23 -16.11 -17.59
CA THR A 247 18.93 -16.69 -17.57
C THR A 247 18.56 -17.17 -18.95
N LYS A 248 17.64 -18.12 -19.04
CA LYS A 248 17.06 -18.52 -20.31
C LYS A 248 18.08 -19.19 -21.22
N ILE A 249 19.02 -19.92 -20.64
CA ILE A 249 20.00 -20.60 -21.46
C ILE A 249 19.27 -21.70 -22.22
N ASP A 250 18.03 -21.95 -21.82
CA ASP A 250 17.20 -22.97 -22.44
C ASP A 250 16.55 -22.42 -23.67
N GLU A 251 16.81 -21.14 -23.93
CA GLU A 251 16.01 -20.38 -24.86
C GLU A 251 16.84 -19.88 -26.04
N THR A 252 18.16 -20.01 -25.91
CA THR A 252 19.08 -19.50 -26.92
C THR A 252 19.80 -20.62 -27.68
N THR A 253 20.21 -20.35 -28.91
CA THR A 253 20.92 -21.33 -29.74
C THR A 253 22.40 -21.46 -29.45
N SER A 254 23.04 -20.37 -29.06
CA SER A 254 24.49 -20.36 -28.81
C SER A 254 24.77 -19.63 -27.52
N LEU A 255 25.85 -19.99 -26.85
CA LEU A 255 26.25 -19.28 -25.64
C LEU A 255 27.45 -18.37 -25.91
N GLY A 256 27.85 -18.25 -27.16
CA GLY A 256 29.00 -17.45 -27.51
C GLY A 256 28.92 -16.03 -26.95
N SER A 257 27.76 -15.39 -27.11
CA SER A 257 27.59 -14.04 -26.60
C SER A 257 27.95 -13.92 -25.11
N VAL A 258 27.53 -14.91 -24.33
CA VAL A 258 27.74 -14.90 -22.88
C VAL A 258 29.20 -15.10 -22.59
N PHE A 259 29.81 -16.04 -23.31
CA PHE A 259 31.25 -16.24 -23.18
C PHE A 259 32.00 -14.92 -23.37
N ASN A 260 31.74 -14.29 -24.50
CA ASN A 260 32.36 -13.01 -24.83
C ASN A 260 32.34 -11.99 -23.68
N ILE A 261 31.23 -11.92 -22.97
CA ILE A 261 31.14 -11.00 -21.85
C ILE A 261 32.04 -11.47 -20.72
N LEU A 262 31.87 -12.73 -20.33
CA LEU A 262 32.62 -13.30 -19.25
C LEU A 262 34.13 -13.17 -19.46
N ALA A 263 34.57 -13.27 -20.71
CA ALA A 263 35.99 -13.19 -21.02
C ALA A 263 36.58 -11.82 -20.65
N GLU A 264 35.78 -10.77 -20.80
CA GLU A 264 36.21 -9.43 -20.49
C GLU A 264 35.82 -9.03 -19.08
N SER A 265 35.67 -10.01 -18.17
CA SER A 265 35.16 -9.68 -16.84
C SER A 265 36.05 -10.23 -15.75
N LYS A 266 36.02 -9.57 -14.60
CA LYS A 266 36.84 -10.02 -13.47
C LYS A 266 36.05 -10.93 -12.56
N ILE A 267 34.76 -11.11 -12.85
CA ILE A 267 33.94 -11.98 -12.01
C ILE A 267 33.32 -13.09 -12.83
N GLY A 268 33.02 -14.21 -12.16
CA GLY A 268 32.38 -15.36 -12.78
C GLY A 268 30.86 -15.42 -12.64
N VAL A 269 30.29 -16.60 -12.91
CA VAL A 269 28.85 -16.74 -12.87
C VAL A 269 28.40 -17.56 -11.69
N GLY A 270 27.44 -17.01 -10.93
CA GLY A 270 26.97 -17.65 -9.73
C GLY A 270 25.85 -18.64 -9.98
N PHE A 271 25.02 -18.32 -10.96
CA PHE A 271 23.94 -19.20 -11.35
C PHE A 271 23.57 -19.03 -12.82
N MET A 272 22.92 -20.06 -13.36
CA MET A 272 22.27 -19.98 -14.65
C MET A 272 20.88 -20.57 -14.54
N THR A 273 19.93 -20.01 -15.29
CA THR A 273 18.57 -20.52 -15.27
C THR A 273 18.17 -21.08 -16.63
N ASN A 274 17.29 -22.07 -16.63
CA ASN A 274 17.06 -22.82 -17.85
C ASN A 274 15.61 -23.24 -18.01
N GLY A 275 14.72 -22.42 -17.48
CA GLY A 275 13.30 -22.66 -17.61
C GLY A 275 12.46 -21.80 -16.67
N GLN A 276 11.14 -21.92 -16.81
CA GLN A 276 10.23 -21.09 -16.06
C GLN A 276 9.80 -21.69 -14.72
N ASN A 277 10.22 -22.92 -14.46
CA ASN A 277 9.70 -23.64 -13.29
C ASN A 277 10.43 -23.42 -11.98
N VAL A 278 9.68 -22.97 -10.98
CA VAL A 278 10.22 -22.76 -9.65
C VAL A 278 9.87 -23.93 -8.75
N PRO A 279 10.85 -24.45 -8.01
CA PRO A 279 12.18 -23.85 -7.99
C PRO A 279 13.20 -24.66 -8.75
N GLU A 280 12.76 -25.62 -9.56
CA GLU A 280 13.71 -26.56 -10.18
C GLU A 280 14.74 -25.96 -11.13
N ASP A 281 14.28 -25.15 -12.09
CA ASP A 281 15.08 -24.74 -13.24
C ASP A 281 16.19 -23.72 -12.98
N ILE A 282 17.05 -24.02 -12.01
CA ILE A 282 18.26 -23.23 -11.80
C ILE A 282 19.44 -24.19 -11.65
N GLN A 283 20.67 -23.71 -11.88
CA GLN A 283 21.86 -24.55 -11.77
C GLN A 283 23.10 -23.70 -11.62
N THR A 284 24.21 -24.35 -11.25
CA THR A 284 25.50 -23.65 -11.15
C THR A 284 26.52 -24.25 -12.12
N VAL A 285 27.56 -23.49 -12.45
CA VAL A 285 28.56 -24.02 -13.38
C VAL A 285 29.98 -23.56 -13.08
N SER A 286 30.94 -24.41 -13.42
CA SER A 286 32.34 -24.07 -13.38
C SER A 286 32.75 -23.57 -14.76
N PRO A 287 33.87 -22.82 -14.84
CA PRO A 287 34.35 -22.36 -16.14
C PRO A 287 34.40 -23.47 -17.18
N LEU A 288 34.93 -24.63 -16.81
CA LEU A 288 34.98 -25.76 -17.73
C LEU A 288 33.58 -26.17 -18.11
N GLY A 289 32.76 -26.47 -17.10
CA GLY A 289 31.40 -26.89 -17.31
C GLY A 289 30.68 -25.97 -18.26
N PHE A 290 30.92 -24.68 -18.09
CA PHE A 290 30.41 -23.67 -19.02
C PHE A 290 30.91 -23.85 -20.45
N VAL A 291 32.21 -24.00 -20.62
CA VAL A 291 32.79 -24.15 -21.94
C VAL A 291 32.26 -25.40 -22.66
N ARG A 292 32.02 -26.48 -21.92
CA ARG A 292 31.43 -27.66 -22.52
C ARG A 292 30.08 -27.34 -23.14
N MET A 293 29.28 -26.56 -22.43
CA MET A 293 28.00 -26.16 -22.96
C MET A 293 28.17 -25.36 -24.23
N LEU A 294 29.23 -24.56 -24.28
CA LEU A 294 29.50 -23.66 -25.39
C LEU A 294 29.67 -24.45 -26.67
N CYS A 295 30.28 -25.63 -26.52
CA CYS A 295 30.66 -26.48 -27.66
C CYS A 295 29.63 -27.57 -27.91
N ARG A 296 28.37 -27.24 -27.65
CA ARG A 296 27.23 -28.09 -27.97
C ARG A 296 27.17 -29.30 -27.05
N PRO B 39 38.19 3.07 -53.76
CA PRO B 39 36.82 3.59 -53.79
C PRO B 39 36.67 4.81 -52.87
N GLU B 40 35.88 5.82 -53.24
CA GLU B 40 35.75 7.01 -52.38
C GLU B 40 34.54 7.02 -51.41
N PRO B 41 33.36 7.53 -51.84
CA PRO B 41 32.24 7.52 -50.88
C PRO B 41 31.80 6.10 -50.54
N LEU B 42 32.08 5.13 -51.41
CA LEU B 42 31.72 3.74 -51.16
C LEU B 42 32.43 3.20 -49.93
N ARG B 43 33.51 3.88 -49.54
CA ARG B 43 34.20 3.51 -48.32
C ARG B 43 33.35 3.96 -47.13
N LYS B 44 32.67 5.08 -47.31
CA LYS B 44 31.74 5.60 -46.31
C LYS B 44 30.51 4.71 -46.16
N ALA B 45 29.85 4.44 -47.27
CA ALA B 45 28.74 3.51 -47.29
C ALA B 45 29.12 2.20 -46.61
N GLU B 46 30.32 1.71 -46.90
CA GLU B 46 30.80 0.48 -46.26
C GLU B 46 30.84 0.66 -44.73
N LYS B 47 31.12 1.88 -44.31
CA LYS B 47 31.27 2.19 -42.90
C LYS B 47 29.92 2.12 -42.21
N LEU B 48 28.94 2.82 -42.76
CA LEU B 48 27.56 2.77 -42.26
C LEU B 48 27.16 1.34 -41.99
N LEU B 49 27.02 0.57 -43.06
CA LEU B 49 26.63 -0.83 -42.99
C LEU B 49 27.35 -1.55 -41.87
N GLN B 50 28.57 -1.12 -41.57
CA GLN B 50 29.34 -1.74 -40.50
C GLN B 50 28.65 -1.53 -39.16
N GLU B 51 28.24 -0.29 -38.93
CA GLU B 51 27.67 0.11 -37.65
C GLU B 51 26.29 -0.52 -37.38
N THR B 52 25.47 -0.61 -38.42
CA THR B 52 24.22 -1.36 -38.32
C THR B 52 24.62 -2.79 -38.09
N GLY B 53 23.80 -3.56 -37.39
CA GLY B 53 24.20 -4.93 -37.08
C GLY B 53 23.86 -5.94 -38.16
N ILE B 54 23.76 -5.48 -39.39
CA ILE B 54 23.33 -6.34 -40.48
C ILE B 54 24.27 -7.53 -40.64
N LYS B 55 23.81 -8.59 -41.30
CA LYS B 55 24.66 -9.73 -41.50
C LYS B 55 25.52 -9.61 -42.77
N GLU B 56 26.71 -10.20 -42.68
CA GLU B 56 27.75 -10.04 -43.69
C GLU B 56 27.22 -10.24 -45.08
N SER B 57 26.61 -11.40 -45.33
CA SER B 57 26.00 -11.68 -46.63
C SER B 57 25.27 -10.44 -47.12
N THR B 58 24.31 -9.99 -46.31
CA THR B 58 23.52 -8.85 -46.68
C THR B 58 24.38 -7.63 -46.90
N LYS B 59 25.26 -7.34 -45.95
CA LYS B 59 26.13 -6.18 -46.05
C LYS B 59 26.78 -6.18 -47.43
N THR B 60 27.45 -7.28 -47.75
CA THR B 60 28.11 -7.43 -49.02
C THR B 60 27.17 -7.18 -50.19
N ASN B 61 26.08 -7.94 -50.25
CA ASN B 61 25.20 -7.89 -51.40
C ASN B 61 24.69 -6.47 -51.64
N THR B 62 24.74 -5.67 -50.58
CA THR B 62 24.25 -4.30 -50.67
C THR B 62 25.26 -3.48 -51.41
N LEU B 63 26.53 -3.64 -51.02
CA LEU B 63 27.63 -3.00 -51.76
C LEU B 63 27.65 -3.41 -53.23
N LYS B 64 27.45 -4.70 -53.51
CA LYS B 64 27.33 -5.13 -54.91
C LYS B 64 26.30 -4.26 -55.64
N LYS B 65 25.04 -4.32 -55.20
CA LYS B 65 23.97 -3.57 -55.87
C LYS B 65 24.39 -2.10 -55.98
N LEU B 66 24.96 -1.58 -54.89
CA LEU B 66 25.34 -0.18 -54.83
C LEU B 66 26.34 0.13 -55.90
N LEU B 67 27.46 -0.56 -55.84
CA LEU B 67 28.53 -0.48 -56.84
C LEU B 67 28.04 -0.63 -58.28
N ARG B 68 27.40 -1.76 -58.55
CA ARG B 68 26.76 -1.98 -59.84
C ARG B 68 26.05 -0.72 -60.34
N PHE B 69 25.00 -0.29 -59.63
CA PHE B 69 24.22 0.88 -60.04
C PHE B 69 25.09 2.09 -60.37
N SER B 70 26.00 2.42 -59.46
CA SER B 70 26.73 3.68 -59.57
C SER B 70 27.77 3.69 -60.68
N VAL B 71 28.44 2.56 -60.88
CA VAL B 71 29.42 2.46 -61.94
C VAL B 71 28.77 2.72 -63.29
N GLU B 72 27.54 2.26 -63.46
CA GLU B 72 26.89 2.26 -64.77
C GLU B 72 25.92 3.41 -64.93
N ALA B 73 25.84 4.27 -63.93
CA ALA B 73 24.81 5.28 -63.93
C ALA B 73 25.20 6.53 -63.16
N GLY B 74 25.88 7.44 -63.83
CA GLY B 74 26.24 8.73 -63.27
C GLY B 74 27.19 8.67 -62.08
N GLY B 75 27.25 9.78 -61.32
CA GLY B 75 28.20 9.90 -60.23
C GLY B 75 27.58 10.21 -58.87
N LEU B 76 28.04 9.51 -57.85
CA LEU B 76 27.48 9.63 -56.51
C LEU B 76 28.46 10.36 -55.59
N THR B 77 27.95 11.34 -54.85
CA THR B 77 28.76 12.12 -53.92
C THR B 77 28.92 11.44 -52.58
N GLU B 78 29.79 12.01 -51.74
CA GLU B 78 29.88 11.62 -50.33
C GLU B 78 28.59 12.03 -49.66
N GLU B 79 27.91 13.00 -50.26
CA GLU B 79 26.67 13.49 -49.72
C GLU B 79 25.52 12.52 -50.00
N ASN B 80 25.32 12.18 -51.27
CA ASN B 80 24.10 11.49 -51.68
C ASN B 80 24.16 9.95 -51.63
N VAL B 81 25.25 9.39 -51.11
CA VAL B 81 25.37 7.94 -50.99
C VAL B 81 24.22 7.40 -50.16
N VAL B 82 24.24 7.81 -48.89
CA VAL B 82 23.28 7.36 -47.89
C VAL B 82 21.89 7.18 -48.47
N GLY B 83 21.39 8.21 -49.14
CA GLY B 83 20.09 8.12 -49.78
C GLY B 83 19.95 6.84 -50.58
N LYS B 84 20.84 6.62 -51.53
CA LYS B 84 20.80 5.46 -52.40
C LYS B 84 20.94 4.16 -51.61
N LEU B 85 21.85 4.19 -50.65
CA LEU B 85 22.07 3.07 -49.75
C LEU B 85 20.76 2.64 -49.09
N GLN B 86 20.09 3.60 -48.48
CA GLN B 86 18.84 3.34 -47.78
C GLN B 86 17.80 2.75 -48.71
N GLU B 87 17.66 3.33 -49.90
CA GLU B 87 16.71 2.80 -50.88
C GLU B 87 16.96 1.31 -51.15
N ILE B 88 18.23 0.94 -51.25
CA ILE B 88 18.59 -0.41 -51.60
C ILE B 88 18.19 -1.38 -50.48
N LEU B 89 18.45 -0.97 -49.24
CA LEU B 89 18.12 -1.77 -48.08
C LEU B 89 16.63 -1.91 -47.94
N CYS B 90 15.96 -0.79 -48.06
CA CYS B 90 14.52 -0.75 -48.00
C CYS B 90 13.86 -1.72 -49.03
N ASP B 91 14.49 -1.90 -50.19
CA ASP B 91 13.89 -2.71 -51.24
C ASP B 91 13.94 -4.17 -50.89
N MET B 92 14.63 -4.48 -49.80
CA MET B 92 14.78 -5.88 -49.36
C MET B 92 13.72 -6.21 -48.31
N LEU B 93 13.08 -5.17 -47.79
CA LEU B 93 12.01 -5.34 -46.81
C LEU B 93 10.69 -5.49 -47.54
N PRO B 94 9.69 -6.11 -46.90
CA PRO B 94 8.38 -6.26 -47.53
C PRO B 94 7.82 -4.93 -47.96
N SER B 95 7.01 -4.91 -49.01
CA SER B 95 6.40 -3.67 -49.47
C SER B 95 5.64 -2.97 -48.35
N ALA B 96 5.57 -1.64 -48.44
CA ALA B 96 4.99 -0.85 -47.35
C ALA B 96 3.53 -1.19 -47.04
N ASP B 97 2.75 -1.63 -48.02
CA ASP B 97 1.36 -1.92 -47.77
C ASP B 97 1.25 -3.06 -46.76
N LYS B 98 2.40 -3.68 -46.47
CA LYS B 98 2.43 -4.81 -45.55
C LYS B 98 3.02 -4.40 -44.20
N TRP B 99 3.21 -3.10 -44.03
CA TRP B 99 3.59 -2.53 -42.73
C TRP B 99 2.45 -1.65 -42.24
N GLN B 100 2.49 -1.34 -40.96
CA GLN B 100 1.53 -0.40 -40.42
C GLN B 100 0.08 -0.75 -40.77
N GLU B 101 -0.23 -2.03 -40.85
CA GLU B 101 -1.62 -2.47 -40.91
C GLU B 101 -2.28 -2.00 -39.62
N PRO B 102 -3.39 -1.28 -39.75
CA PRO B 102 -4.11 -0.77 -38.59
C PRO B 102 -4.94 -1.86 -37.94
N ILE B 103 -5.33 -1.62 -36.71
CA ILE B 103 -6.24 -2.52 -36.03
C ILE B 103 -7.68 -2.40 -36.54
N HIS B 104 -8.20 -3.50 -37.12
CA HIS B 104 -9.57 -3.55 -37.61
C HIS B 104 -10.33 -4.75 -37.06
N SER B 105 -9.66 -5.90 -36.96
CA SER B 105 -10.35 -7.12 -36.58
C SER B 105 -10.88 -7.04 -35.17
N LYS B 106 -11.86 -7.88 -34.85
CA LYS B 106 -12.45 -7.80 -33.52
C LYS B 106 -11.43 -8.25 -32.50
N TYR B 107 -10.82 -9.40 -32.75
CA TYR B 107 -9.89 -9.99 -31.80
C TYR B 107 -8.47 -9.61 -32.12
N ILE B 108 -7.75 -9.13 -31.11
CA ILE B 108 -6.36 -8.74 -31.28
C ILE B 108 -5.48 -9.59 -30.35
N VAL B 109 -4.66 -10.46 -30.94
CA VAL B 109 -3.85 -11.41 -30.20
C VAL B 109 -2.36 -11.14 -30.30
N LEU B 110 -1.69 -11.03 -29.16
CA LEU B 110 -0.23 -11.02 -29.19
C LEU B 110 0.31 -12.31 -28.57
N PHE B 111 1.27 -12.93 -29.24
CA PHE B 111 2.01 -14.03 -28.66
C PHE B 111 3.47 -13.79 -28.97
N GLY B 112 4.36 -14.34 -28.16
CA GLY B 112 5.78 -14.17 -28.38
C GLY B 112 6.64 -14.71 -27.26
N SER B 113 7.88 -14.27 -27.21
CA SER B 113 8.87 -14.81 -26.29
C SER B 113 8.60 -14.33 -24.88
N THR B 114 9.15 -15.06 -23.92
CA THR B 114 9.00 -14.73 -22.50
C THR B 114 9.64 -13.38 -22.17
N GLY B 115 8.91 -12.49 -21.53
CA GLY B 115 9.50 -11.25 -21.06
C GLY B 115 9.63 -10.18 -22.12
N ALA B 116 9.21 -10.48 -23.34
CA ALA B 116 9.37 -9.57 -24.47
C ALA B 116 8.57 -8.27 -24.38
N GLY B 117 7.51 -8.28 -23.60
CA GLY B 117 6.72 -7.08 -23.41
C GLY B 117 5.31 -7.21 -23.95
N LYS B 118 4.84 -8.43 -24.12
CA LYS B 118 3.52 -8.64 -24.70
C LYS B 118 2.41 -7.96 -23.89
N THR B 119 2.25 -8.38 -22.64
CA THR B 119 1.24 -7.76 -21.78
C THR B 119 1.29 -6.24 -21.80
N THR B 120 2.48 -5.67 -21.59
CA THR B 120 2.62 -4.22 -21.56
C THR B 120 2.18 -3.58 -22.86
N THR B 121 2.51 -4.24 -23.95
CA THR B 121 2.13 -3.74 -25.26
C THR B 121 0.62 -3.85 -25.48
N LEU B 122 0.03 -4.96 -25.07
CA LEU B 122 -1.40 -5.12 -25.19
C LEU B 122 -2.12 -3.95 -24.49
N ALA B 123 -1.68 -3.61 -23.28
CA ALA B 123 -2.28 -2.52 -22.53
C ALA B 123 -2.26 -1.25 -23.38
N LYS B 124 -1.08 -0.89 -23.87
CA LYS B 124 -0.92 0.28 -24.70
C LYS B 124 -1.89 0.28 -25.87
N LEU B 125 -1.89 -0.81 -26.62
CA LEU B 125 -2.77 -0.96 -27.76
C LEU B 125 -4.23 -0.73 -27.39
N ALA B 126 -4.65 -1.35 -26.29
CA ALA B 126 -6.04 -1.22 -25.82
C ALA B 126 -6.36 0.21 -25.44
N ALA B 127 -5.49 0.80 -24.61
CA ALA B 127 -5.61 2.20 -24.25
C ALA B 127 -5.85 3.09 -25.47
N ILE B 128 -5.18 2.78 -26.57
CA ILE B 128 -5.34 3.60 -27.76
C ILE B 128 -6.74 3.38 -28.30
N SER B 129 -7.15 2.13 -28.36
CA SER B 129 -8.42 1.81 -28.94
C SER B 129 -9.54 2.53 -28.19
N MET B 130 -9.57 2.41 -26.87
CA MET B 130 -10.59 3.07 -26.09
C MET B 130 -10.48 4.58 -26.14
N LEU B 131 -9.40 5.12 -25.58
CA LEU B 131 -9.27 6.56 -25.43
C LEU B 131 -9.18 7.37 -26.72
N GLU B 132 -8.24 7.03 -27.60
CA GLU B 132 -8.10 7.76 -28.86
C GLU B 132 -9.18 7.42 -29.91
N LYS B 133 -9.52 6.14 -30.05
CA LYS B 133 -10.45 5.77 -31.09
C LYS B 133 -11.87 5.44 -30.58
N HIS B 134 -12.06 5.56 -29.28
CA HIS B 134 -13.41 5.55 -28.70
C HIS B 134 -14.17 4.26 -28.93
N LYS B 135 -13.56 3.12 -28.58
CA LYS B 135 -14.14 1.82 -28.87
C LYS B 135 -14.46 1.01 -27.62
N LYS B 136 -15.48 0.17 -27.74
CA LYS B 136 -15.87 -0.73 -26.68
C LYS B 136 -14.89 -1.87 -26.65
N ILE B 137 -14.06 -1.93 -25.62
CA ILE B 137 -13.01 -2.95 -25.56
C ILE B 137 -13.17 -3.93 -24.40
N ALA B 138 -12.53 -5.09 -24.54
CA ALA B 138 -12.54 -6.12 -23.51
C ALA B 138 -11.31 -6.99 -23.67
N PHE B 139 -10.97 -7.73 -22.61
CA PHE B 139 -9.75 -8.51 -22.57
C PHE B 139 -10.01 -9.97 -22.37
N ILE B 140 -9.19 -10.78 -23.01
CA ILE B 140 -9.09 -12.17 -22.63
C ILE B 140 -7.64 -12.36 -22.30
N THR B 141 -7.37 -13.09 -21.24
CA THR B 141 -6.03 -13.61 -21.04
C THR B 141 -5.98 -15.13 -20.96
N THR B 142 -4.86 -15.65 -21.42
CA THR B 142 -4.67 -17.06 -21.61
C THR B 142 -3.45 -17.48 -20.77
N ASP B 143 -2.73 -16.48 -20.26
CA ASP B 143 -1.52 -16.69 -19.48
C ASP B 143 -1.86 -17.08 -18.05
N THR B 144 -2.20 -18.34 -17.91
CA THR B 144 -2.44 -18.94 -16.61
C THR B 144 -1.11 -19.34 -15.98
N TYR B 145 -0.10 -19.46 -16.83
CA TYR B 145 1.14 -20.09 -16.41
C TYR B 145 2.00 -19.25 -15.51
N ARG B 146 2.30 -18.03 -15.93
CA ARG B 146 3.26 -17.24 -15.17
C ARG B 146 2.61 -16.45 -14.04
N ILE B 147 3.32 -16.42 -12.92
CA ILE B 147 2.74 -15.92 -11.69
C ILE B 147 2.46 -14.43 -11.72
N ALA B 148 1.20 -14.10 -11.45
CA ALA B 148 0.67 -12.73 -11.37
C ALA B 148 0.42 -12.13 -12.73
N ALA B 149 0.52 -12.93 -13.78
CA ALA B 149 0.29 -12.42 -15.13
C ALA B 149 -1.16 -12.00 -15.27
N VAL B 150 -2.08 -12.70 -14.60
CA VAL B 150 -3.48 -12.30 -14.64
C VAL B 150 -3.69 -11.02 -13.85
N GLU B 151 -3.15 -10.95 -12.64
CA GLU B 151 -3.25 -9.70 -11.89
C GLU B 151 -2.80 -8.56 -12.78
N GLN B 152 -1.63 -8.71 -13.39
CA GLN B 152 -1.08 -7.70 -14.25
C GLN B 152 -2.14 -7.15 -15.20
N LEU B 153 -2.72 -8.00 -16.03
CA LEU B 153 -3.66 -7.52 -17.03
C LEU B 153 -4.95 -7.03 -16.38
N LYS B 154 -5.31 -7.62 -15.26
CA LYS B 154 -6.52 -7.25 -14.54
C LYS B 154 -6.40 -5.79 -14.15
N THR B 155 -5.23 -5.41 -13.67
CA THR B 155 -5.12 -4.06 -13.14
C THR B 155 -5.18 -3.02 -14.24
N TYR B 156 -4.74 -3.41 -15.42
CA TYR B 156 -4.93 -2.58 -16.62
C TYR B 156 -6.40 -2.50 -17.00
N ALA B 157 -7.07 -3.64 -16.97
CA ALA B 157 -8.46 -3.70 -17.36
C ALA B 157 -9.28 -2.89 -16.37
N GLU B 158 -8.86 -2.90 -15.11
CA GLU B 158 -9.58 -2.16 -14.11
C GLU B 158 -9.43 -0.69 -14.41
N LEU B 159 -8.20 -0.26 -14.63
CA LEU B 159 -7.93 1.15 -14.94
C LEU B 159 -8.80 1.63 -16.09
N LEU B 160 -8.86 0.81 -17.14
CA LEU B 160 -9.60 1.11 -18.38
C LEU B 160 -11.06 0.78 -18.25
N GLN B 161 -11.46 0.28 -17.08
CA GLN B 161 -12.84 -0.09 -16.85
C GLN B 161 -13.36 -0.99 -17.96
N ALA B 162 -12.59 -2.01 -18.30
CA ALA B 162 -13.07 -3.03 -19.24
C ALA B 162 -13.12 -4.41 -18.58
N PRO B 163 -14.02 -5.27 -19.07
CA PRO B 163 -14.14 -6.62 -18.51
C PRO B 163 -12.98 -7.50 -18.98
N LEU B 164 -12.73 -8.60 -18.27
CA LEU B 164 -11.59 -9.48 -18.56
C LEU B 164 -11.96 -10.90 -18.24
N GLU B 165 -11.76 -11.79 -19.22
CA GLU B 165 -11.96 -13.21 -19.01
C GLU B 165 -10.62 -13.98 -19.07
N VAL B 166 -10.39 -14.84 -18.08
CA VAL B 166 -9.31 -15.82 -18.14
C VAL B 166 -9.77 -17.11 -18.82
N CYS B 167 -8.98 -17.62 -19.75
CA CYS B 167 -9.37 -18.81 -20.50
C CYS B 167 -8.29 -19.87 -20.46
N TYR B 168 -8.66 -21.05 -19.96
CA TYR B 168 -7.75 -22.17 -19.89
C TYR B 168 -7.87 -23.08 -21.10
N THR B 169 -8.97 -22.95 -21.82
CA THR B 169 -9.27 -23.87 -22.91
C THR B 169 -9.94 -23.15 -24.07
N LYS B 170 -9.91 -23.78 -25.24
CA LYS B 170 -10.50 -23.16 -26.42
C LYS B 170 -11.98 -22.94 -26.21
N GLU B 171 -12.59 -23.87 -25.48
CA GLU B 171 -14.03 -23.80 -25.21
C GLU B 171 -14.31 -22.52 -24.44
N GLU B 172 -13.62 -22.35 -23.33
CA GLU B 172 -13.76 -21.16 -22.52
C GLU B 172 -13.55 -19.93 -23.38
N PHE B 173 -12.54 -19.96 -24.24
CA PHE B 173 -12.33 -18.84 -25.16
C PHE B 173 -13.56 -18.65 -26.04
N GLN B 174 -14.05 -19.76 -26.61
CA GLN B 174 -15.19 -19.70 -27.52
C GLN B 174 -16.39 -19.13 -26.76
N GLN B 175 -16.55 -19.54 -25.52
CA GLN B 175 -17.61 -18.99 -24.65
C GLN B 175 -17.42 -17.48 -24.48
N ALA B 176 -16.25 -17.08 -24.00
CA ALA B 176 -15.96 -15.67 -23.81
C ALA B 176 -16.41 -14.86 -25.03
N LYS B 177 -16.18 -15.43 -26.22
CA LYS B 177 -16.59 -14.80 -27.48
C LYS B 177 -18.05 -14.41 -27.46
N GLU B 178 -18.90 -15.29 -26.95
CA GLU B 178 -20.33 -15.02 -26.82
C GLU B 178 -20.59 -13.79 -25.97
N LEU B 179 -19.98 -13.74 -24.79
CA LEU B 179 -20.21 -12.65 -23.83
C LEU B 179 -19.77 -11.33 -24.41
N PHE B 180 -18.69 -11.35 -25.17
CA PHE B 180 -18.15 -10.10 -25.69
C PHE B 180 -18.69 -9.72 -27.05
N SER B 181 -19.78 -10.36 -27.45
CA SER B 181 -20.26 -10.21 -28.82
C SER B 181 -20.65 -8.76 -29.12
N GLU B 182 -20.94 -7.99 -28.09
CA GLU B 182 -21.36 -6.61 -28.27
C GLU B 182 -20.18 -5.65 -28.31
N TYR B 183 -18.97 -6.17 -28.26
CA TYR B 183 -17.79 -5.30 -28.19
C TYR B 183 -17.16 -5.04 -29.53
N ASP B 184 -16.36 -3.98 -29.58
CA ASP B 184 -15.63 -3.63 -30.79
C ASP B 184 -14.35 -4.45 -30.91
N HIS B 185 -13.55 -4.39 -29.85
CA HIS B 185 -12.29 -5.11 -29.80
C HIS B 185 -12.11 -5.88 -28.52
N VAL B 186 -11.58 -7.08 -28.68
CA VAL B 186 -11.17 -7.92 -27.58
C VAL B 186 -9.67 -8.16 -27.70
N PHE B 187 -8.92 -7.62 -26.75
CA PHE B 187 -7.48 -7.78 -26.77
C PHE B 187 -7.10 -9.04 -25.99
N VAL B 188 -6.44 -9.96 -26.69
CA VAL B 188 -6.12 -11.26 -26.14
C VAL B 188 -4.64 -11.38 -25.80
N ASP B 189 -4.34 -11.69 -24.54
CA ASP B 189 -2.96 -11.86 -24.08
C ASP B 189 -2.66 -13.35 -23.98
N THR B 190 -1.38 -13.74 -24.10
CA THR B 190 -1.03 -15.16 -24.01
C THR B 190 0.27 -15.37 -23.25
N ALA B 191 0.44 -16.59 -22.73
CA ALA B 191 1.67 -16.94 -22.02
C ALA B 191 2.89 -17.08 -22.92
N GLY B 192 3.97 -16.41 -22.55
CA GLY B 192 5.19 -16.52 -23.28
C GLY B 192 5.77 -17.90 -23.06
N ARG B 193 6.28 -18.49 -24.13
CA ARG B 193 6.96 -19.77 -24.03
C ARG B 193 8.27 -19.80 -24.79
N ASN B 194 8.98 -20.89 -24.63
CA ASN B 194 10.17 -21.18 -25.40
C ASN B 194 9.70 -21.80 -26.70
N PHE B 195 9.29 -20.95 -27.64
CA PHE B 195 8.70 -21.43 -28.88
C PHE B 195 9.67 -22.12 -29.85
N LYS B 196 10.96 -22.17 -29.51
CA LYS B 196 11.87 -23.04 -30.22
C LYS B 196 11.27 -24.45 -30.14
N ASP B 197 11.00 -24.89 -28.93
CA ASP B 197 10.30 -26.16 -28.72
C ASP B 197 8.88 -25.97 -29.25
N PRO B 198 8.39 -26.94 -30.03
CA PRO B 198 7.16 -26.68 -30.78
C PRO B 198 5.88 -27.16 -30.11
N GLN B 199 5.97 -27.84 -28.98
CA GLN B 199 4.75 -28.21 -28.29
C GLN B 199 3.94 -26.99 -27.86
N TYR B 200 4.63 -25.88 -27.67
CA TYR B 200 3.95 -24.66 -27.26
C TYR B 200 3.27 -24.02 -28.45
N ILE B 201 3.83 -24.19 -29.63
CA ILE B 201 3.14 -23.81 -30.85
C ILE B 201 1.85 -24.62 -30.89
N ASP B 202 1.96 -25.89 -30.53
CA ASP B 202 0.78 -26.74 -30.54
C ASP B 202 -0.21 -26.23 -29.50
N GLU B 203 0.27 -26.09 -28.27
CA GLU B 203 -0.52 -25.53 -27.19
C GLU B 203 -1.26 -24.27 -27.68
N LEU B 204 -0.52 -23.29 -28.20
CA LEU B 204 -1.12 -22.05 -28.66
C LEU B 204 -2.21 -22.26 -29.69
N LYS B 205 -1.89 -23.01 -30.76
CA LYS B 205 -2.86 -23.33 -31.79
C LYS B 205 -4.08 -24.08 -31.22
N GLU B 206 -3.86 -24.90 -30.20
CA GLU B 206 -5.00 -25.60 -29.60
C GLU B 206 -5.79 -24.76 -28.59
N THR B 207 -5.41 -23.49 -28.43
CA THR B 207 -6.11 -22.65 -27.46
C THR B 207 -6.78 -21.46 -28.15
N ILE B 208 -6.16 -20.95 -29.21
CA ILE B 208 -6.73 -19.83 -29.96
C ILE B 208 -7.46 -20.30 -31.22
N PRO B 209 -8.68 -19.78 -31.45
CA PRO B 209 -9.38 -19.97 -32.73
C PRO B 209 -8.94 -18.93 -33.74
N PHE B 210 -8.07 -19.28 -34.69
CA PHE B 210 -7.64 -18.35 -35.72
C PHE B 210 -8.59 -18.30 -36.90
N GLU B 211 -9.58 -19.19 -36.88
CA GLU B 211 -10.80 -19.13 -37.69
C GLU B 211 -11.47 -17.77 -37.70
N SER B 212 -11.34 -17.03 -36.61
CA SER B 212 -12.20 -15.89 -36.36
C SER B 212 -11.76 -14.62 -37.07
N SER B 213 -12.51 -13.55 -36.84
CA SER B 213 -12.05 -12.23 -37.21
C SER B 213 -10.95 -11.86 -36.23
N ILE B 214 -9.70 -12.04 -36.66
CA ILE B 214 -8.59 -11.91 -35.74
C ILE B 214 -7.28 -11.42 -36.38
N GLN B 215 -6.64 -10.45 -35.75
CA GLN B 215 -5.31 -9.98 -36.14
C GLN B 215 -4.30 -10.49 -35.14
N SER B 216 -3.23 -11.14 -35.63
CA SER B 216 -2.32 -11.81 -34.74
C SER B 216 -0.93 -11.21 -34.91
N PHE B 217 -0.35 -10.73 -33.81
CA PHE B 217 0.97 -10.11 -33.82
C PHE B 217 2.02 -10.97 -33.12
N LEU B 218 3.08 -11.31 -33.83
CA LEU B 218 4.21 -11.99 -33.22
C LEU B 218 5.08 -10.94 -32.59
N VAL B 219 5.41 -11.14 -31.32
CA VAL B 219 6.15 -10.12 -30.57
C VAL B 219 7.56 -10.57 -30.26
N LEU B 220 8.53 -9.80 -30.73
CA LEU B 220 9.93 -10.10 -30.49
C LEU B 220 10.66 -8.90 -29.91
N SER B 221 11.68 -9.20 -29.12
CA SER B 221 12.46 -8.17 -28.47
C SER B 221 13.59 -7.65 -29.35
N ALA B 222 13.63 -6.34 -29.58
CA ALA B 222 14.73 -5.76 -30.37
C ALA B 222 16.09 -6.07 -29.77
N THR B 223 16.10 -6.65 -28.58
CA THR B 223 17.35 -6.95 -27.92
C THR B 223 17.81 -8.37 -28.20
N ALA B 224 16.98 -9.14 -28.90
CA ALA B 224 17.23 -10.56 -29.19
C ALA B 224 18.25 -10.82 -30.30
N LYS B 225 18.96 -11.92 -30.17
CA LYS B 225 19.90 -12.34 -31.21
C LYS B 225 19.18 -12.87 -32.46
N TYR B 226 19.65 -12.44 -33.62
CA TYR B 226 19.07 -12.84 -34.90
C TYR B 226 18.92 -14.35 -35.02
N GLU B 227 19.97 -15.08 -34.66
CA GLU B 227 19.94 -16.52 -34.82
C GLU B 227 18.84 -17.12 -33.95
N ASP B 228 18.53 -16.46 -32.84
CA ASP B 228 17.42 -16.91 -32.01
C ASP B 228 16.09 -16.67 -32.68
N MET B 229 15.81 -15.41 -33.01
CA MET B 229 14.59 -15.02 -33.71
C MET B 229 14.34 -15.83 -34.98
N LYS B 230 15.41 -16.12 -35.70
CA LYS B 230 15.30 -16.88 -36.94
C LYS B 230 14.51 -18.15 -36.70
N HIS B 231 14.91 -18.87 -35.64
CA HIS B 231 14.31 -20.15 -35.27
C HIS B 231 12.88 -19.96 -34.83
N ILE B 232 12.64 -18.99 -33.96
CA ILE B 232 11.28 -18.71 -33.54
C ILE B 232 10.37 -18.51 -34.74
N VAL B 233 10.78 -17.67 -35.68
CA VAL B 233 9.95 -17.40 -36.84
C VAL B 233 9.66 -18.66 -37.67
N LYS B 234 10.59 -19.61 -37.71
CA LYS B 234 10.34 -20.88 -38.40
C LYS B 234 9.21 -21.62 -37.70
N ARG B 235 9.32 -21.71 -36.38
CA ARG B 235 8.34 -22.46 -35.60
C ARG B 235 6.95 -21.88 -35.76
N PHE B 236 6.86 -20.57 -35.88
CA PHE B 236 5.59 -19.91 -36.06
C PHE B 236 5.04 -20.05 -37.48
N SER B 237 5.76 -20.78 -38.31
CA SER B 237 5.37 -20.91 -39.71
C SER B 237 3.91 -21.37 -39.86
N SER B 238 3.50 -22.34 -39.05
CA SER B 238 2.18 -22.96 -39.22
C SER B 238 1.05 -22.17 -38.58
N VAL B 239 1.31 -20.93 -38.17
CA VAL B 239 0.30 -20.11 -37.53
C VAL B 239 0.21 -18.75 -38.18
N PRO B 240 -1.02 -18.26 -38.42
CA PRO B 240 -1.25 -17.10 -39.28
C PRO B 240 -0.92 -15.76 -38.63
N VAL B 241 0.37 -15.45 -38.52
CA VAL B 241 0.83 -14.14 -38.07
C VAL B 241 0.57 -13.05 -39.13
N ASN B 242 0.00 -11.92 -38.71
CA ASN B 242 -0.30 -10.83 -39.63
C ASN B 242 0.79 -9.76 -39.65
N GLN B 243 1.36 -9.46 -38.48
CA GLN B 243 2.35 -8.41 -38.35
C GLN B 243 3.34 -8.81 -37.27
N TYR B 244 4.52 -8.19 -37.29
CA TYR B 244 5.44 -8.28 -36.18
C TYR B 244 5.23 -7.10 -35.24
N ILE B 245 5.68 -7.25 -34.00
CA ILE B 245 5.84 -6.11 -33.10
C ILE B 245 7.21 -6.23 -32.51
N PHE B 246 7.98 -5.16 -32.57
CA PHE B 246 9.31 -5.19 -31.96
C PHE B 246 9.36 -4.28 -30.77
N THR B 247 9.82 -4.84 -29.67
CA THR B 247 9.78 -4.14 -28.41
C THR B 247 11.18 -3.75 -27.96
N LYS B 248 11.25 -2.79 -27.06
CA LYS B 248 12.52 -2.42 -26.45
C LYS B 248 13.55 -1.89 -27.44
N ILE B 249 13.09 -1.19 -28.49
CA ILE B 249 14.05 -0.62 -29.42
C ILE B 249 14.82 0.48 -28.71
N ASP B 250 14.34 0.87 -27.54
CA ASP B 250 14.98 1.87 -26.71
C ASP B 250 16.10 1.24 -25.91
N GLU B 251 16.29 -0.04 -26.08
CA GLU B 251 17.08 -0.78 -25.14
C GLU B 251 18.29 -1.43 -25.85
N THR B 252 18.30 -1.37 -27.18
CA THR B 252 19.34 -2.04 -27.96
C THR B 252 20.22 -1.03 -28.70
N THR B 253 21.45 -1.42 -28.98
CA THR B 253 22.41 -0.56 -29.66
C THR B 253 22.29 -0.55 -31.19
N SER B 254 21.84 -1.66 -31.77
CA SER B 254 21.68 -1.75 -33.21
C SER B 254 20.36 -2.41 -33.57
N LEU B 255 19.80 -2.06 -34.72
CA LEU B 255 18.60 -2.69 -35.21
C LEU B 255 18.86 -3.69 -36.35
N GLY B 256 20.14 -3.94 -36.60
CA GLY B 256 20.54 -4.87 -37.65
C GLY B 256 19.86 -6.21 -37.52
N SER B 257 19.86 -6.77 -36.31
CA SER B 257 19.22 -8.06 -36.09
C SER B 257 17.78 -8.07 -36.58
N VAL B 258 17.04 -7.03 -36.23
CA VAL B 258 15.63 -6.93 -36.60
C VAL B 258 15.46 -6.81 -38.12
N PHE B 259 16.28 -5.97 -38.72
CA PHE B 259 16.27 -5.88 -40.16
C PHE B 259 16.43 -7.27 -40.77
N ASN B 260 17.47 -7.98 -40.35
CA ASN B 260 17.76 -9.30 -40.91
C ASN B 260 16.54 -10.21 -40.94
N ILE B 261 15.74 -10.18 -39.88
CA ILE B 261 14.55 -11.01 -39.81
C ILE B 261 13.55 -10.52 -40.84
N LEU B 262 13.24 -9.24 -40.77
CA LEU B 262 12.26 -8.63 -41.66
C LEU B 262 12.58 -8.88 -43.12
N ALA B 263 13.87 -8.93 -43.46
CA ALA B 263 14.27 -9.12 -44.85
C ALA B 263 13.87 -10.49 -45.39
N GLU B 264 13.86 -11.50 -44.51
CA GLU B 264 13.46 -12.85 -44.87
C GLU B 264 12.00 -13.11 -44.56
N SER B 265 11.18 -12.07 -44.56
CA SER B 265 9.79 -12.22 -44.15
C SER B 265 8.83 -11.66 -45.18
N LYS B 266 7.64 -12.26 -45.26
CA LYS B 266 6.62 -11.78 -46.16
C LYS B 266 5.71 -10.74 -45.49
N ILE B 267 5.94 -10.46 -44.22
CA ILE B 267 5.08 -9.49 -43.52
C ILE B 267 5.91 -8.39 -42.92
N GLY B 268 5.25 -7.27 -42.63
CA GLY B 268 5.93 -6.10 -42.10
C GLY B 268 5.70 -5.91 -40.62
N VAL B 269 6.06 -4.73 -40.11
CA VAL B 269 5.91 -4.47 -38.69
C VAL B 269 4.74 -3.53 -38.39
N GLY B 270 3.92 -3.91 -37.42
CA GLY B 270 2.71 -3.18 -37.14
C GLY B 270 2.98 -2.11 -36.12
N PHE B 271 3.86 -2.44 -35.18
CA PHE B 271 4.20 -1.52 -34.11
C PHE B 271 5.61 -1.79 -33.59
N MET B 272 6.16 -0.78 -32.94
CA MET B 272 7.40 -0.93 -32.19
C MET B 272 7.21 -0.22 -30.87
N THR B 273 7.85 -0.74 -29.83
CA THR B 273 7.74 -0.12 -28.52
C THR B 273 9.10 0.38 -28.05
N ASN B 274 9.11 1.44 -27.26
CA ASN B 274 10.36 2.09 -26.95
C ASN B 274 10.45 2.57 -25.54
N GLY B 275 9.81 1.85 -24.63
CA GLY B 275 9.85 2.22 -23.23
C GLY B 275 8.77 1.50 -22.43
N GLN B 276 8.82 1.67 -21.12
CA GLN B 276 7.91 0.96 -20.23
C GLN B 276 6.60 1.70 -19.97
N ASN B 277 6.47 2.91 -20.48
CA ASN B 277 5.35 3.76 -20.08
C ASN B 277 4.10 3.55 -20.92
N VAL B 278 3.01 3.27 -20.22
CA VAL B 278 1.71 3.13 -20.87
C VAL B 278 0.90 4.39 -20.68
N PRO B 279 0.27 4.87 -21.75
CA PRO B 279 0.30 4.16 -23.01
C PRO B 279 1.23 4.81 -24.01
N GLU B 280 2.07 5.74 -23.58
CA GLU B 280 2.81 6.59 -24.54
C GLU B 280 3.79 5.84 -25.45
N ASP B 281 4.62 4.98 -24.86
CA ASP B 281 5.82 4.45 -25.52
C ASP B 281 5.54 3.38 -26.56
N ILE B 282 4.69 3.70 -27.52
CA ILE B 282 4.52 2.83 -28.68
C ILE B 282 4.49 3.71 -29.92
N GLN B 283 4.80 3.14 -31.09
CA GLN B 283 4.87 3.90 -32.33
C GLN B 283 4.74 2.97 -33.53
N THR B 284 4.54 3.54 -34.72
CA THR B 284 4.49 2.75 -35.95
C THR B 284 5.57 3.22 -36.92
N VAL B 285 5.93 2.38 -37.91
CA VAL B 285 6.98 2.75 -38.86
C VAL B 285 6.78 2.21 -40.25
N SER B 286 7.26 2.98 -41.22
CA SER B 286 7.28 2.55 -42.59
C SER B 286 8.65 1.93 -42.88
N PRO B 287 8.75 1.16 -43.98
CA PRO B 287 10.02 0.52 -44.27
C PRO B 287 11.14 1.54 -44.26
N LEU B 288 10.93 2.66 -44.91
CA LEU B 288 11.94 3.71 -44.95
C LEU B 288 12.23 4.22 -43.56
N GLY B 289 11.20 4.69 -42.88
CA GLY B 289 11.38 5.15 -41.53
C GLY B 289 12.18 4.17 -40.70
N PHE B 290 11.92 2.88 -40.89
CA PHE B 290 12.69 1.85 -40.20
C PHE B 290 14.17 1.88 -40.57
N VAL B 291 14.46 1.91 -41.86
CA VAL B 291 15.83 1.96 -42.34
C VAL B 291 16.60 3.21 -41.85
N ARG B 292 15.92 4.34 -41.73
CA ARG B 292 16.57 5.51 -41.15
C ARG B 292 17.06 5.22 -39.76
N MET B 293 16.22 4.54 -38.97
CA MET B 293 16.60 4.16 -37.61
C MET B 293 17.83 3.28 -37.62
N LEU B 294 17.89 2.40 -38.60
CA LEU B 294 18.96 1.44 -38.72
C LEU B 294 20.28 2.13 -38.84
N CYS B 295 20.26 3.26 -39.54
CA CYS B 295 21.48 4.00 -39.88
C CYS B 295 21.77 5.14 -38.90
N ARG B 296 21.38 4.92 -37.64
CA ARG B 296 21.68 5.83 -36.54
C ARG B 296 20.87 7.10 -36.65
N PRO C 39 -53.61 16.48 34.14
CA PRO C 39 -53.13 17.42 33.14
C PRO C 39 -53.25 16.82 31.74
N GLU C 40 -53.54 17.59 30.70
CA GLU C 40 -53.67 17.00 29.34
C GLU C 40 -52.42 17.10 28.43
N PRO C 41 -52.28 18.20 27.67
CA PRO C 41 -51.07 18.27 26.85
C PRO C 41 -49.79 18.34 27.68
N LEU C 42 -49.90 18.82 28.91
CA LEU C 42 -48.73 18.91 29.78
C LEU C 42 -48.15 17.54 30.08
N ARG C 43 -48.93 16.50 29.84
CA ARG C 43 -48.44 15.14 29.99
C ARG C 43 -47.54 14.84 28.80
N LYS C 44 -47.88 15.41 27.65
CA LYS C 44 -47.08 15.30 26.44
C LYS C 44 -45.76 16.03 26.56
N ALA C 45 -45.84 17.31 26.91
CA ALA C 45 -44.65 18.09 27.20
C ALA C 45 -43.72 17.36 28.18
N GLU C 46 -44.31 16.80 29.23
CA GLU C 46 -43.53 16.03 30.18
C GLU C 46 -42.81 14.87 29.50
N LYS C 47 -43.46 14.34 28.46
CA LYS C 47 -42.92 13.19 27.73
C LYS C 47 -41.69 13.59 26.92
N LEU C 48 -41.85 14.65 26.12
CA LEU C 48 -40.72 15.20 25.38
C LEU C 48 -39.51 15.33 26.29
N LEU C 49 -39.60 16.24 27.24
CA LEU C 49 -38.52 16.46 28.19
C LEU C 49 -37.86 15.17 28.66
N GLN C 50 -38.65 14.11 28.73
CA GLN C 50 -38.13 12.82 29.17
C GLN C 50 -37.10 12.30 28.20
N GLU C 51 -37.43 12.39 26.91
CA GLU C 51 -36.61 11.82 25.85
C GLU C 51 -35.29 12.57 25.66
N THR C 52 -35.35 13.89 25.75
CA THR C 52 -34.13 14.68 25.79
C THR C 52 -33.40 14.27 27.06
N GLY C 53 -32.09 14.31 27.05
CA GLY C 53 -31.36 13.85 28.23
C GLY C 53 -31.16 14.92 29.28
N ILE C 54 -32.08 15.88 29.34
CA ILE C 54 -31.94 17.01 30.26
C ILE C 54 -31.89 16.54 31.71
N LYS C 55 -31.36 17.36 32.59
CA LYS C 55 -31.31 16.96 33.99
C LYS C 55 -32.61 17.30 34.74
N GLU C 56 -32.92 16.46 35.73
CA GLU C 56 -34.19 16.50 36.46
C GLU C 56 -34.57 17.88 36.92
N SER C 57 -33.67 18.50 37.68
CA SER C 57 -33.88 19.88 38.11
C SER C 57 -34.44 20.69 36.97
N THR C 58 -33.68 20.75 35.88
CA THR C 58 -34.08 21.53 34.72
C THR C 58 -35.43 21.06 34.18
N LYS C 59 -35.56 19.75 33.97
CA LYS C 59 -36.81 19.21 33.46
C LYS C 59 -37.96 19.78 34.28
N THR C 60 -37.87 19.60 35.59
CA THR C 60 -38.90 20.08 36.49
C THR C 60 -39.15 21.57 36.29
N ASN C 61 -38.11 22.37 36.44
CA ASN C 61 -38.28 23.82 36.44
C ASN C 61 -38.91 24.31 35.15
N THR C 62 -38.84 23.47 34.11
CA THR C 62 -39.38 23.83 32.81
C THR C 62 -40.88 23.66 32.83
N LEU C 63 -41.33 22.53 33.37
CA LEU C 63 -42.76 22.32 33.60
C LEU C 63 -43.34 23.42 34.49
N LYS C 64 -42.64 23.78 35.58
CA LYS C 64 -43.09 24.90 36.41
C LYS C 64 -43.40 26.11 35.54
N LYS C 65 -42.38 26.63 34.86
CA LYS C 65 -42.56 27.82 34.02
C LYS C 65 -43.71 27.59 33.03
N LEU C 66 -43.75 26.40 32.46
CA LEU C 66 -44.76 26.06 31.48
C LEU C 66 -46.14 26.17 32.10
N LEU C 67 -46.36 25.37 33.14
CA LEU C 67 -47.60 25.35 33.91
C LEU C 67 -47.99 26.76 34.31
N ARG C 68 -47.09 27.43 35.02
CA ARG C 68 -47.32 28.81 35.43
C ARG C 68 -47.92 29.64 34.30
N PHE C 69 -47.14 29.87 33.25
CA PHE C 69 -47.62 30.64 32.11
C PHE C 69 -49.02 30.25 31.62
N SER C 70 -49.24 28.95 31.39
CA SER C 70 -50.46 28.51 30.75
C SER C 70 -51.71 28.60 31.62
N VAL C 71 -51.56 28.35 32.92
CA VAL C 71 -52.69 28.44 33.83
C VAL C 71 -53.24 29.86 33.86
N GLU C 72 -52.33 30.83 33.76
CA GLU C 72 -52.69 32.23 33.95
C GLU C 72 -52.83 32.99 32.63
N ALA C 73 -52.70 32.29 31.52
CA ALA C 73 -52.73 32.96 30.23
C ALA C 73 -53.22 32.07 29.09
N GLY C 74 -54.54 32.09 28.88
CA GLY C 74 -55.13 31.39 27.76
C GLY C 74 -55.02 29.88 27.80
N GLY C 75 -55.29 29.24 26.66
CA GLY C 75 -55.31 27.79 26.58
C GLY C 75 -54.35 27.22 25.55
N LEU C 76 -53.63 26.17 25.95
CA LEU C 76 -52.63 25.56 25.09
C LEU C 76 -53.10 24.19 24.59
N THR C 77 -52.97 23.96 23.29
CA THR C 77 -53.40 22.71 22.68
C THR C 77 -52.34 21.63 22.80
N GLU C 78 -52.71 20.42 22.38
CA GLU C 78 -51.74 19.33 22.21
C GLU C 78 -50.84 19.71 21.05
N GLU C 79 -51.34 20.60 20.20
CA GLU C 79 -50.60 21.00 19.05
C GLU C 79 -49.52 22.01 19.44
N ASN C 80 -49.93 23.10 20.08
CA ASN C 80 -49.03 24.23 20.29
C ASN C 80 -48.12 24.19 21.53
N VAL C 81 -48.13 23.08 22.27
CA VAL C 81 -47.30 22.96 23.47
C VAL C 81 -45.86 23.12 23.12
N VAL C 82 -45.38 22.19 22.29
CA VAL C 82 -44.00 22.12 21.85
C VAL C 82 -43.38 23.48 21.58
N GLY C 83 -44.06 24.27 20.77
CA GLY C 83 -43.60 25.63 20.52
C GLY C 83 -43.22 26.34 21.81
N LYS C 84 -44.18 26.44 22.73
CA LYS C 84 -43.98 27.16 23.98
C LYS C 84 -42.85 26.52 24.78
N LEU C 85 -42.87 25.19 24.81
CA LEU C 85 -41.86 24.42 25.51
C LEU C 85 -40.47 24.82 25.03
N GLN C 86 -40.28 24.84 23.71
CA GLN C 86 -39.00 25.15 23.13
C GLN C 86 -38.55 26.57 23.46
N GLU C 87 -39.47 27.51 23.37
CA GLU C 87 -39.15 28.87 23.76
C GLU C 87 -38.58 28.89 25.17
N ILE C 88 -39.19 28.13 26.08
CA ILE C 88 -38.83 28.22 27.48
C ILE C 88 -37.41 27.70 27.70
N LEU C 89 -37.10 26.59 27.03
CA LEU C 89 -35.77 25.99 27.09
C LEU C 89 -34.73 26.91 26.50
N CYS C 90 -35.05 27.42 25.32
CA CYS C 90 -34.19 28.34 24.62
C CYS C 90 -33.85 29.56 25.49
N ASP C 91 -34.77 29.97 26.36
CA ASP C 91 -34.55 31.17 27.17
C ASP C 91 -33.50 30.92 28.25
N MET C 92 -33.13 29.66 28.42
CA MET C 92 -32.17 29.28 29.44
C MET C 92 -30.75 29.24 28.86
N LEU C 93 -30.67 29.31 27.54
CA LEU C 93 -29.39 29.31 26.85
C LEU C 93 -28.95 30.73 26.61
N PRO C 94 -27.64 30.95 26.47
CA PRO C 94 -27.14 32.31 26.25
C PRO C 94 -27.80 32.97 25.05
N SER C 95 -27.93 34.29 25.08
CA SER C 95 -28.56 35.00 23.98
C SER C 95 -27.90 34.64 22.65
N ALA C 96 -28.67 34.74 21.57
CA ALA C 96 -28.19 34.33 20.25
C ALA C 96 -26.97 35.09 19.75
N ASP C 97 -26.80 36.33 20.18
CA ASP C 97 -25.66 37.11 19.71
C ASP C 97 -24.37 36.48 20.26
N LYS C 98 -24.54 35.51 21.15
CA LYS C 98 -23.41 34.81 21.75
C LYS C 98 -23.22 33.40 21.16
N TRP C 99 -23.97 33.10 20.11
CA TRP C 99 -23.76 31.90 19.31
C TRP C 99 -23.34 32.30 17.90
N GLN C 100 -22.82 31.33 17.16
CA GLN C 100 -22.52 31.55 15.76
C GLN C 100 -21.64 32.78 15.53
N GLU C 101 -20.75 33.06 16.47
CA GLU C 101 -19.72 34.08 16.26
C GLU C 101 -18.88 33.57 15.12
N PRO C 102 -18.73 34.40 14.08
CA PRO C 102 -17.93 34.03 12.90
C PRO C 102 -16.45 34.14 13.20
N ILE C 103 -15.64 33.49 12.39
CA ILE C 103 -14.20 33.64 12.45
C ILE C 103 -13.72 35.00 11.91
N HIS C 104 -13.12 35.80 12.79
CA HIS C 104 -12.56 37.10 12.39
C HIS C 104 -11.12 37.23 12.82
N SER C 105 -10.81 36.78 14.03
CA SER C 105 -9.46 36.95 14.57
C SER C 105 -8.38 36.27 13.74
N LYS C 106 -7.15 36.74 13.86
CA LYS C 106 -6.10 36.18 13.01
C LYS C 106 -5.85 34.74 13.42
N TYR C 107 -5.66 34.55 14.72
CA TYR C 107 -5.36 33.24 15.28
C TYR C 107 -6.61 32.49 15.75
N ILE C 108 -6.76 31.25 15.28
CA ILE C 108 -7.89 30.42 15.67
C ILE C 108 -7.36 29.19 16.41
N VAL C 109 -7.65 29.10 17.70
CA VAL C 109 -7.16 28.00 18.55
C VAL C 109 -8.28 27.06 18.98
N LEU C 110 -8.11 25.77 18.76
CA LEU C 110 -8.95 24.79 19.42
C LEU C 110 -8.19 24.00 20.48
N PHE C 111 -8.78 23.86 21.66
CA PHE C 111 -8.24 22.97 22.66
C PHE C 111 -9.40 22.19 23.24
N GLY C 112 -9.13 21.04 23.84
CA GLY C 112 -10.20 20.21 24.35
C GLY C 112 -9.79 18.81 24.75
N SER C 113 -10.77 17.92 24.87
CA SER C 113 -10.53 16.59 25.39
C SER C 113 -9.85 15.70 24.38
N THR C 114 -9.22 14.64 24.87
CA THR C 114 -8.51 13.72 24.01
C THR C 114 -9.47 13.01 23.08
N GLY C 115 -9.17 13.05 21.79
CA GLY C 115 -9.93 12.28 20.80
C GLY C 115 -11.23 12.94 20.38
N ALA C 116 -11.52 14.12 20.93
CA ALA C 116 -12.80 14.77 20.70
C ALA C 116 -13.03 15.20 19.26
N GLY C 117 -11.95 15.32 18.49
CA GLY C 117 -12.07 15.73 17.09
C GLY C 117 -11.53 17.10 16.77
N LYS C 118 -10.68 17.62 17.65
CA LYS C 118 -10.07 18.93 17.45
C LYS C 118 -9.35 19.05 16.10
N THR C 119 -8.31 18.24 15.89
CA THR C 119 -7.57 18.26 14.64
C THR C 119 -8.50 18.16 13.43
N THR C 120 -9.42 17.22 13.44
CA THR C 120 -10.28 17.04 12.29
C THR C 120 -11.10 18.30 12.06
N THR C 121 -11.57 18.87 13.15
CA THR C 121 -12.38 20.07 13.03
C THR C 121 -11.55 21.25 12.53
N LEU C 122 -10.30 21.36 12.99
CA LEU C 122 -9.43 22.45 12.58
C LEU C 122 -9.29 22.42 11.07
N ALA C 123 -9.10 21.22 10.53
CA ALA C 123 -8.95 21.06 9.08
C ALA C 123 -10.17 21.62 8.36
N LYS C 124 -11.34 21.19 8.81
CA LYS C 124 -12.60 21.67 8.22
C LYS C 124 -12.68 23.18 8.23
N LEU C 125 -12.49 23.78 9.40
CA LEU C 125 -12.52 25.22 9.55
C LEU C 125 -11.59 25.88 8.55
N ALA C 126 -10.35 25.38 8.50
CA ALA C 126 -9.35 25.96 7.62
C ALA C 126 -9.76 25.87 6.14
N ALA C 127 -10.14 24.67 5.73
CA ALA C 127 -10.65 24.46 4.39
C ALA C 127 -11.73 25.48 3.99
N ILE C 128 -12.65 25.78 4.92
CA ILE C 128 -13.68 26.77 4.66
C ILE C 128 -13.02 28.13 4.46
N SER C 129 -12.11 28.49 5.35
CA SER C 129 -11.48 29.81 5.26
C SER C 129 -10.81 29.99 3.92
N MET C 130 -10.00 29.02 3.49
CA MET C 130 -9.32 29.16 2.21
C MET C 130 -10.30 29.08 1.05
N LEU C 131 -10.96 27.93 0.91
CA LEU C 131 -11.75 27.68 -0.30
C LEU C 131 -13.00 28.55 -0.44
N GLU C 132 -13.81 28.60 0.60
CA GLU C 132 -15.05 29.38 0.53
C GLU C 132 -14.84 30.88 0.72
N LYS C 133 -13.98 31.26 1.65
CA LYS C 133 -13.79 32.67 1.93
C LYS C 133 -12.49 33.25 1.38
N HIS C 134 -11.71 32.42 0.69
CA HIS C 134 -10.55 32.88 -0.07
C HIS C 134 -9.48 33.62 0.76
N LYS C 135 -9.01 32.96 1.80
CA LYS C 135 -8.08 33.60 2.72
C LYS C 135 -6.71 32.93 2.76
N LYS C 136 -5.69 33.74 3.07
CA LYS C 136 -4.35 33.26 3.21
C LYS C 136 -4.26 32.58 4.57
N ILE C 137 -4.10 31.27 4.59
CA ILE C 137 -4.08 30.54 5.85
C ILE C 137 -2.77 29.81 6.12
N ALA C 138 -2.57 29.45 7.37
CA ALA C 138 -1.37 28.76 7.82
C ALA C 138 -1.64 28.08 9.14
N PHE C 139 -0.82 27.10 9.49
CA PHE C 139 -1.08 26.30 10.67
C PHE C 139 0.03 26.38 11.67
N ILE C 140 -0.34 26.34 12.93
CA ILE C 140 0.61 26.01 13.98
C ILE C 140 0.04 24.77 14.65
N THR C 141 0.90 23.82 14.95
CA THR C 141 0.49 22.80 15.89
C THR C 141 1.38 22.78 17.12
N THR C 142 0.78 22.36 18.20
CA THR C 142 1.41 22.39 19.50
C THR C 142 1.44 20.97 20.04
N ASP C 143 0.72 20.07 19.34
CA ASP C 143 0.57 18.68 19.76
C ASP C 143 1.79 17.87 19.42
N THR C 144 2.82 18.02 20.24
CA THR C 144 4.03 17.23 20.13
C THR C 144 3.83 15.90 20.84
N TYR C 145 2.83 15.84 21.71
CA TYR C 145 2.69 14.73 22.64
C TYR C 145 2.21 13.46 21.98
N ARG C 146 1.11 13.55 21.23
CA ARG C 146 0.50 12.32 20.74
C ARG C 146 1.09 11.90 19.40
N ILE C 147 1.30 10.62 19.27
CA ILE C 147 2.02 10.08 18.15
C ILE C 147 1.28 10.27 16.82
N ALA C 148 1.98 10.90 15.89
CA ALA C 148 1.55 11.16 14.52
C ALA C 148 0.57 12.30 14.43
N ALA C 149 0.38 13.01 15.53
CA ALA C 149 -0.52 14.16 15.53
C ALA C 149 0.00 15.22 14.57
N VAL C 150 1.32 15.39 14.50
CA VAL C 150 1.87 16.36 13.56
C VAL C 150 1.71 15.88 12.11
N GLU C 151 2.00 14.61 11.85
CA GLU C 151 1.80 14.12 10.49
C GLU C 151 0.37 14.46 10.11
N GLN C 152 -0.56 14.08 10.97
CA GLN C 152 -1.97 14.29 10.71
C GLN C 152 -2.24 15.70 10.17
N LEU C 153 -1.90 16.71 10.96
CA LEU C 153 -2.15 18.08 10.52
C LEU C 153 -1.31 18.45 9.29
N LYS C 154 -0.09 17.91 9.21
CA LYS C 154 0.81 18.18 8.09
C LYS C 154 0.12 17.77 6.79
N THR C 155 -0.49 16.59 6.78
CA THR C 155 -1.05 16.13 5.52
C THR C 155 -2.22 17.01 5.08
N TYR C 156 -2.94 17.57 6.05
CA TYR C 156 -4.01 18.51 5.75
C TYR C 156 -3.42 19.78 5.18
N ALA C 157 -2.32 20.21 5.77
CA ALA C 157 -1.69 21.46 5.36
C ALA C 157 -1.11 21.29 3.98
N GLU C 158 -0.65 20.07 3.71
CA GLU C 158 -0.07 19.79 2.40
C GLU C 158 -1.19 19.86 1.37
N LEU C 159 -2.32 19.21 1.66
CA LEU C 159 -3.46 19.22 0.76
C LEU C 159 -3.91 20.63 0.43
N LEU C 160 -3.95 21.47 1.46
CA LEU C 160 -4.38 22.85 1.35
C LEU C 160 -3.26 23.75 0.90
N GLN C 161 -2.08 23.17 0.72
CA GLN C 161 -0.92 23.97 0.31
C GLN C 161 -0.69 25.17 1.22
N ALA C 162 -0.72 24.95 2.53
CA ALA C 162 -0.41 26.01 3.47
C ALA C 162 0.76 25.58 4.32
N PRO C 163 1.52 26.55 4.83
CA PRO C 163 2.68 26.26 5.69
C PRO C 163 2.26 25.80 7.08
N LEU C 164 3.16 25.14 7.80
CA LEU C 164 2.84 24.62 9.13
C LEU C 164 4.05 24.68 10.04
N GLU C 165 3.88 25.30 11.21
CA GLU C 165 4.93 25.35 12.21
C GLU C 165 4.59 24.56 13.47
N VAL C 166 5.52 23.69 13.88
CA VAL C 166 5.39 22.99 15.16
C VAL C 166 6.00 23.82 16.30
N CYS C 167 5.28 23.96 17.40
CA CYS C 167 5.80 24.80 18.48
C CYS C 167 5.80 24.10 19.81
N TYR C 168 6.97 24.01 20.43
CA TYR C 168 7.13 23.34 21.72
C TYR C 168 7.05 24.34 22.85
N THR C 169 7.21 25.62 22.54
CA THR C 169 7.31 26.65 23.57
C THR C 169 6.64 27.92 23.13
N LYS C 170 6.30 28.77 24.08
CA LYS C 170 5.63 30.03 23.74
C LYS C 170 6.53 30.85 22.82
N GLU C 171 7.83 30.79 23.05
CA GLU C 171 8.79 31.55 22.25
C GLU C 171 8.65 31.15 20.80
N GLU C 172 8.76 29.85 20.56
CA GLU C 172 8.60 29.32 19.22
C GLU C 172 7.29 29.82 18.63
N PHE C 173 6.22 29.76 19.43
CA PHE C 173 4.93 30.25 18.98
C PHE C 173 5.01 31.73 18.60
N GLN C 174 5.62 32.51 19.48
CA GLN C 174 5.76 33.94 19.25
C GLN C 174 6.56 34.16 17.98
N GLN C 175 7.61 33.37 17.79
CA GLN C 175 8.40 33.46 16.57
C GLN C 175 7.52 33.16 15.36
N ALA C 176 6.87 32.02 15.38
CA ALA C 176 5.98 31.61 14.28
C ALA C 176 5.07 32.78 13.86
N LYS C 177 4.59 33.53 14.85
CA LYS C 177 3.78 34.72 14.62
C LYS C 177 4.45 35.69 13.66
N GLU C 178 5.75 35.90 13.82
CA GLU C 178 6.53 36.75 12.91
C GLU C 178 6.43 36.28 11.47
N LEU C 179 6.66 34.98 11.27
CA LEU C 179 6.71 34.40 9.93
C LEU C 179 5.36 34.51 9.26
N PHE C 180 4.31 34.35 10.04
CA PHE C 180 2.96 34.34 9.46
C PHE C 180 2.27 35.70 9.50
N SER C 181 3.06 36.75 9.69
CA SER C 181 2.49 38.09 9.80
C SER C 181 1.72 38.52 8.56
N GLU C 182 2.08 37.97 7.40
CA GLU C 182 1.41 38.34 6.16
C GLU C 182 0.12 37.56 5.92
N TYR C 183 -0.26 36.70 6.85
CA TYR C 183 -1.39 35.81 6.62
C TYR C 183 -2.70 36.35 7.22
N ASP C 184 -3.82 35.81 6.74
CA ASP C 184 -5.12 36.21 7.23
C ASP C 184 -5.47 35.44 8.48
N HIS C 185 -5.35 34.11 8.39
CA HIS C 185 -5.67 33.25 9.51
C HIS C 185 -4.63 32.19 9.77
N VAL C 186 -4.36 31.98 11.04
CA VAL C 186 -3.47 30.93 11.46
C VAL C 186 -4.28 30.01 12.35
N PHE C 187 -4.50 28.79 11.90
CA PHE C 187 -5.24 27.81 12.68
C PHE C 187 -4.32 27.02 13.60
N VAL C 188 -4.58 27.08 14.89
CA VAL C 188 -3.67 26.52 15.87
C VAL C 188 -4.26 25.27 16.50
N ASP C 189 -3.54 24.16 16.41
CA ASP C 189 -4.00 22.91 17.01
C ASP C 189 -3.26 22.69 18.31
N THR C 190 -3.81 21.89 19.20
CA THR C 190 -3.17 21.62 20.49
C THR C 190 -3.40 20.18 20.93
N ALA C 191 -2.53 19.72 21.83
CA ALA C 191 -2.63 18.38 22.36
C ALA C 191 -3.77 18.24 23.37
N GLY C 192 -4.58 17.22 23.17
CA GLY C 192 -5.66 16.90 24.08
C GLY C 192 -5.09 16.37 25.37
N ARG C 193 -5.65 16.83 26.48
CA ARG C 193 -5.23 16.36 27.78
C ARG C 193 -6.41 16.07 28.68
N ASN C 194 -6.10 15.47 29.81
CA ASN C 194 -7.05 15.25 30.87
C ASN C 194 -7.17 16.54 31.69
N PHE C 195 -7.96 17.48 31.18
CA PHE C 195 -8.03 18.82 31.77
C PHE C 195 -8.76 18.90 33.10
N LYS C 196 -9.28 17.77 33.56
CA LYS C 196 -9.71 17.68 34.95
C LYS C 196 -8.50 18.08 35.81
N ASP C 197 -7.39 17.39 35.61
CA ASP C 197 -6.13 17.74 36.23
C ASP C 197 -5.71 19.08 35.66
N PRO C 198 -5.33 20.04 36.52
CA PRO C 198 -5.18 21.42 36.04
C PRO C 198 -3.77 21.78 35.60
N GLN C 199 -2.80 20.89 35.75
CA GLN C 199 -1.45 21.21 35.28
C GLN C 199 -1.45 21.41 33.77
N TYR C 200 -2.41 20.79 33.11
CA TYR C 200 -2.49 20.91 31.66
C TYR C 200 -3.14 22.22 31.27
N ILE C 201 -4.01 22.72 32.13
CA ILE C 201 -4.50 24.08 31.95
C ILE C 201 -3.30 24.99 32.05
N ASP C 202 -2.42 24.71 33.02
CA ASP C 202 -1.24 25.54 33.19
C ASP C 202 -0.36 25.41 31.94
N GLU C 203 -0.03 24.17 31.59
CA GLU C 203 0.72 23.90 30.38
C GLU C 203 0.15 24.73 29.22
N LEU C 204 -1.14 24.59 28.95
CA LEU C 204 -1.78 25.29 27.85
C LEU C 204 -1.59 26.81 27.92
N LYS C 205 -1.91 27.39 29.07
CA LYS C 205 -1.75 28.82 29.31
C LYS C 205 -0.30 29.23 29.15
N GLU C 206 0.62 28.35 29.49
CA GLU C 206 2.03 28.69 29.37
C GLU C 206 2.59 28.44 27.96
N THR C 207 1.73 28.05 27.04
CA THR C 207 2.18 27.81 25.67
C THR C 207 1.50 28.75 24.68
N ILE C 208 0.25 29.10 24.95
CA ILE C 208 -0.49 30.00 24.07
C ILE C 208 -0.49 31.44 24.61
N PRO C 209 -0.15 32.41 23.75
CA PRO C 209 -0.38 33.84 24.05
C PRO C 209 -1.82 34.24 23.78
N PHE C 210 -2.66 34.36 24.81
CA PHE C 210 -4.04 34.79 24.63
C PHE C 210 -4.18 36.30 24.57
N GLU C 211 -3.09 37.00 24.88
CA GLU C 211 -2.88 38.41 24.59
C GLU C 211 -3.29 38.83 23.17
N SER C 212 -3.16 37.92 22.22
CA SER C 212 -3.17 38.28 20.81
C SER C 212 -4.56 38.49 20.25
N SER C 213 -4.61 38.81 18.95
CA SER C 213 -5.86 38.74 18.20
C SER C 213 -6.19 37.27 18.02
N ILE C 214 -7.06 36.75 18.88
CA ILE C 214 -7.25 35.29 18.94
C ILE C 214 -8.65 34.84 19.39
N GLN C 215 -9.24 33.91 18.64
CA GLN C 215 -10.53 33.33 19.00
C GLN C 215 -10.27 31.91 19.47
N SER C 216 -10.77 31.57 20.64
CA SER C 216 -10.41 30.31 21.25
C SER C 216 -11.66 29.46 21.43
N PHE C 217 -11.66 28.26 20.89
CA PHE C 217 -12.81 27.37 20.95
C PHE C 217 -12.53 26.18 21.84
N LEU C 218 -13.36 25.99 22.87
CA LEU C 218 -13.29 24.81 23.69
C LEU C 218 -14.06 23.71 22.97
N VAL C 219 -13.42 22.56 22.80
CA VAL C 219 -14.01 21.47 22.03
C VAL C 219 -14.40 20.28 22.90
N LEU C 220 -15.68 19.93 22.88
CA LEU C 220 -16.18 18.82 23.66
C LEU C 220 -17.00 17.89 22.79
N SER C 221 -16.96 16.61 23.15
CA SER C 221 -17.68 15.58 22.41
C SER C 221 -19.14 15.45 22.85
N ALA C 222 -20.06 15.55 21.90
CA ALA C 222 -21.49 15.38 22.19
C ALA C 222 -21.77 14.02 22.85
N THR C 223 -20.77 13.14 22.84
CA THR C 223 -20.96 11.81 23.42
C THR C 223 -20.54 11.74 24.88
N ALA C 224 -20.02 12.86 25.39
CA ALA C 224 -19.51 12.96 26.75
C ALA C 224 -20.59 13.12 27.82
N LYS C 225 -20.31 12.57 29.00
CA LYS C 225 -21.21 12.70 30.14
C LYS C 225 -21.16 14.10 30.72
N TYR C 226 -22.35 14.62 31.05
CA TYR C 226 -22.50 15.96 31.59
C TYR C 226 -21.62 16.20 32.81
N GLU C 227 -21.62 15.24 33.73
CA GLU C 227 -20.85 15.41 34.95
C GLU C 227 -19.35 15.55 34.64
N ASP C 228 -18.91 14.95 33.54
CA ASP C 228 -17.53 15.08 33.10
C ASP C 228 -17.29 16.48 32.57
N MET C 229 -18.02 16.85 31.51
CA MET C 229 -17.91 18.19 30.92
C MET C 229 -18.02 19.30 31.96
N LYS C 230 -18.90 19.12 32.95
CA LYS C 230 -19.09 20.13 33.98
C LYS C 230 -17.75 20.49 34.57
N HIS C 231 -16.97 19.47 34.91
CA HIS C 231 -15.70 19.65 35.56
C HIS C 231 -14.73 20.30 34.63
N ILE C 232 -14.66 19.79 33.40
CA ILE C 232 -13.79 20.39 32.40
C ILE C 232 -14.02 21.91 32.29
N VAL C 233 -15.27 22.30 32.14
CA VAL C 233 -15.59 23.71 31.99
C VAL C 233 -15.16 24.54 33.18
N LYS C 234 -15.15 23.95 34.38
CA LYS C 234 -14.67 24.66 35.57
C LYS C 234 -13.18 24.94 35.45
N ARG C 235 -12.44 23.93 35.04
CA ARG C 235 -11.00 24.04 34.96
C ARG C 235 -10.59 25.05 33.91
N PHE C 236 -11.39 25.16 32.86
CA PHE C 236 -11.13 26.14 31.81
C PHE C 236 -11.50 27.57 32.20
N SER C 237 -12.02 27.73 33.41
CA SER C 237 -12.47 29.03 33.89
C SER C 237 -11.43 30.15 33.70
N SER C 238 -10.17 29.84 34.00
CA SER C 238 -9.13 30.87 33.96
C SER C 238 -8.56 31.12 32.59
N VAL C 239 -9.22 30.61 31.56
CA VAL C 239 -8.71 30.82 30.20
C VAL C 239 -9.82 31.32 29.30
N PRO C 240 -9.51 32.28 28.43
CA PRO C 240 -10.53 33.06 27.71
C PRO C 240 -11.15 32.33 26.51
N VAL C 241 -12.02 31.36 26.79
CA VAL C 241 -12.80 30.67 25.75
C VAL C 241 -13.86 31.57 25.15
N ASN C 242 -13.93 31.62 23.83
CA ASN C 242 -14.91 32.47 23.16
C ASN C 242 -16.19 31.74 22.78
N GLN C 243 -16.03 30.48 22.38
CA GLN C 243 -17.15 29.68 21.88
C GLN C 243 -16.90 28.23 22.23
N TYR C 244 -17.96 27.45 22.23
CA TYR C 244 -17.83 26.01 22.32
C TYR C 244 -17.87 25.45 20.91
N ILE C 245 -17.35 24.23 20.77
CA ILE C 245 -17.59 23.41 19.58
C ILE C 245 -18.00 22.03 20.07
N PHE C 246 -19.12 21.53 19.58
CA PHE C 246 -19.54 20.20 19.95
C PHE C 246 -19.44 19.26 18.79
N THR C 247 -18.76 18.15 19.03
CA THR C 247 -18.43 17.24 17.96
C THR C 247 -19.22 15.97 18.09
N LYS C 248 -19.33 15.24 16.99
CA LYS C 248 -19.92 13.90 17.00
C LYS C 248 -21.38 13.90 17.39
N ILE C 249 -22.11 14.96 17.02
CA ILE C 249 -23.53 14.98 17.33
C ILE C 249 -24.22 13.92 16.53
N ASP C 250 -23.49 13.35 15.57
CA ASP C 250 -24.01 12.31 14.70
C ASP C 250 -23.89 10.99 15.38
N GLU C 251 -23.32 11.00 16.58
CA GLU C 251 -22.83 9.79 17.20
C GLU C 251 -23.55 9.52 18.52
N THR C 252 -24.34 10.49 18.98
CA THR C 252 -25.00 10.40 20.29
C THR C 252 -26.51 10.32 20.15
N THR C 253 -27.16 9.70 21.14
CA THR C 253 -28.62 9.52 21.10
C THR C 253 -29.41 10.72 21.58
N SER C 254 -28.83 11.49 22.49
CA SER C 254 -29.51 12.65 23.06
C SER C 254 -28.55 13.84 23.14
N LEU C 255 -29.10 15.04 23.06
CA LEU C 255 -28.29 16.23 23.21
C LEU C 255 -28.50 16.90 24.57
N GLY C 256 -29.24 16.24 25.44
CA GLY C 256 -29.54 16.77 26.76
C GLY C 256 -28.29 17.18 27.53
N SER C 257 -27.28 16.31 27.55
CA SER C 257 -26.02 16.61 28.22
C SER C 257 -25.42 17.95 27.77
N VAL C 258 -25.44 18.18 26.46
CA VAL C 258 -24.86 19.38 25.88
C VAL C 258 -25.66 20.59 26.29
N PHE C 259 -26.99 20.45 26.23
CA PHE C 259 -27.88 21.51 26.69
C PHE C 259 -27.54 21.91 28.12
N ASN C 260 -27.53 20.93 29.00
CA ASN C 260 -27.16 21.16 30.39
C ASN C 260 -25.92 22.03 30.58
N ILE C 261 -24.88 21.78 29.81
CA ILE C 261 -23.67 22.59 29.93
C ILE C 261 -23.95 24.01 29.50
N LEU C 262 -24.50 24.14 28.29
CA LEU C 262 -24.75 25.43 27.70
C LEU C 262 -25.59 26.30 28.59
N ALA C 263 -26.53 25.69 29.32
CA ALA C 263 -27.44 26.45 30.20
C ALA C 263 -26.70 27.15 31.33
N GLU C 264 -25.64 26.52 31.82
CA GLU C 264 -24.81 27.10 32.86
C GLU C 264 -23.64 27.87 32.30
N SER C 265 -23.76 28.38 31.08
CA SER C 265 -22.61 29.02 30.45
C SER C 265 -22.93 30.42 29.96
N LYS C 266 -21.92 31.29 29.93
CA LYS C 266 -22.12 32.64 29.44
C LYS C 266 -21.83 32.73 27.94
N ILE C 267 -21.39 31.63 27.33
CA ILE C 267 -21.06 31.66 25.92
C ILE C 267 -21.82 30.60 25.19
N GLY C 268 -22.01 30.81 23.88
CA GLY C 268 -22.77 29.90 23.04
C GLY C 268 -21.91 28.95 22.24
N VAL C 269 -22.50 28.32 21.22
CA VAL C 269 -21.73 27.41 20.40
C VAL C 269 -21.45 27.95 19.00
N GLY C 270 -20.17 27.87 18.61
CA GLY C 270 -19.73 28.42 17.34
C GLY C 270 -19.90 27.44 16.21
N PHE C 271 -19.70 26.17 16.50
CA PHE C 271 -19.85 25.13 15.50
C PHE C 271 -20.22 23.81 16.13
N MET C 272 -20.81 22.94 15.32
CA MET C 272 -21.02 21.55 15.68
C MET C 272 -20.56 20.69 14.52
N THR C 273 -20.02 19.51 14.84
CA THR C 273 -19.60 18.59 13.80
C THR C 273 -20.44 17.32 13.85
N ASN C 274 -20.59 16.66 12.71
CA ASN C 274 -21.55 15.58 12.61
C ASN C 274 -21.08 14.49 11.72
N GLY C 275 -19.77 14.27 11.69
CA GLY C 275 -19.19 13.25 10.84
C GLY C 275 -17.69 13.39 10.64
N GLN C 276 -17.09 12.37 10.02
CA GLN C 276 -15.65 12.35 9.86
C GLN C 276 -15.15 12.97 8.57
N ASN C 277 -16.06 13.40 7.71
CA ASN C 277 -15.67 13.88 6.40
C ASN C 277 -15.28 15.34 6.34
N VAL C 278 -14.08 15.60 5.84
CA VAL C 278 -13.60 16.96 5.63
C VAL C 278 -13.75 17.34 4.15
N PRO C 279 -14.29 18.53 3.89
CA PRO C 279 -14.62 19.47 4.95
C PRO C 279 -16.11 19.58 5.18
N GLU C 280 -16.89 18.66 4.64
CA GLU C 280 -18.35 18.82 4.64
C GLU C 280 -19.01 18.83 6.02
N ASP C 281 -18.65 17.86 6.86
CA ASP C 281 -19.39 17.56 8.08
C ASP C 281 -19.22 18.55 9.25
N ILE C 282 -19.44 19.82 8.98
CA ILE C 282 -19.50 20.82 10.05
C ILE C 282 -20.74 21.70 9.80
N GLN C 283 -21.26 22.33 10.86
CA GLN C 283 -22.42 23.21 10.73
C GLN C 283 -22.48 24.18 11.89
N THR C 284 -23.32 25.22 11.76
CA THR C 284 -23.55 26.17 12.84
C THR C 284 -25.01 26.15 13.29
N VAL C 285 -25.30 26.62 14.50
CA VAL C 285 -26.66 26.62 14.99
C VAL C 285 -26.99 27.80 15.87
N SER C 286 -28.24 28.20 15.81
CA SER C 286 -28.81 29.17 16.73
C SER C 286 -29.39 28.46 17.95
N PRO C 287 -29.59 29.20 19.06
CA PRO C 287 -30.17 28.58 20.25
C PRO C 287 -31.45 27.83 19.93
N LEU C 288 -32.35 28.43 19.15
CA LEU C 288 -33.57 27.75 18.75
C LEU C 288 -33.26 26.49 17.95
N GLY C 289 -32.50 26.67 16.87
CA GLY C 289 -32.11 25.55 16.03
C GLY C 289 -31.55 24.41 16.85
N PHE C 290 -30.76 24.76 17.86
CA PHE C 290 -30.23 23.75 18.78
C PHE C 290 -31.33 23.02 19.54
N VAL C 291 -32.26 23.78 20.12
CA VAL C 291 -33.37 23.20 20.89
C VAL C 291 -34.24 22.28 20.02
N ARG C 292 -34.46 22.64 18.77
CA ARG C 292 -35.18 21.75 17.85
C ARG C 292 -34.52 20.39 17.80
N MET C 293 -33.20 20.38 17.70
CA MET C 293 -32.45 19.14 17.65
C MET C 293 -32.64 18.35 18.92
N LEU C 294 -32.73 19.07 20.03
CA LEU C 294 -32.86 18.45 21.34
C LEU C 294 -34.10 17.61 21.39
N CYS C 295 -35.15 18.11 20.73
CA CYS C 295 -36.47 17.50 20.81
C CYS C 295 -36.75 16.57 19.64
N ARG C 296 -35.68 15.91 19.18
CA ARG C 296 -35.78 14.89 18.15
C ARG C 296 -36.10 15.47 16.77
N PRO D 39 -34.06 4.63 58.61
CA PRO D 39 -32.95 3.70 58.38
C PRO D 39 -31.61 4.32 58.78
N GLU D 40 -30.68 3.54 59.34
CA GLU D 40 -29.39 4.12 59.77
C GLU D 40 -28.23 4.00 58.75
N PRO D 41 -27.44 2.89 58.78
CA PRO D 41 -26.36 2.84 57.80
C PRO D 41 -26.89 2.73 56.38
N LEU D 42 -28.12 2.27 56.22
CA LEU D 42 -28.71 2.16 54.88
C LEU D 42 -28.85 3.52 54.22
N ARG D 43 -28.79 4.57 55.03
CA ARG D 43 -28.84 5.91 54.50
C ARG D 43 -27.48 6.22 53.89
N LYS D 44 -26.42 5.68 54.50
CA LYS D 44 -25.05 5.80 53.99
C LYS D 44 -24.87 5.04 52.68
N ALA D 45 -25.24 3.76 52.68
CA ALA D 45 -25.23 2.96 51.47
C ALA D 45 -25.98 3.69 50.35
N GLU D 46 -27.13 4.27 50.67
CA GLU D 46 -27.89 5.01 49.68
C GLU D 46 -27.06 6.17 49.12
N LYS D 47 -26.19 6.71 49.98
CA LYS D 47 -25.36 7.85 49.61
C LYS D 47 -24.30 7.42 48.61
N LEU D 48 -23.54 6.38 48.95
CA LEU D 48 -22.56 5.81 48.02
C LEU D 48 -23.18 5.69 46.64
N LEU D 49 -24.12 4.77 46.51
CA LEU D 49 -24.78 4.52 45.25
C LEU D 49 -25.08 5.81 44.51
N GLN D 50 -25.34 6.87 45.25
CA GLN D 50 -25.66 8.15 44.65
C GLN D 50 -24.48 8.68 43.86
N GLU D 51 -23.31 8.59 44.47
CA GLU D 51 -22.10 9.16 43.91
C GLU D 51 -21.61 8.40 42.68
N THR D 52 -21.71 7.07 42.69
CA THR D 52 -21.42 6.29 41.50
C THR D 52 -22.48 6.67 40.51
N GLY D 53 -22.20 6.57 39.22
CA GLY D 53 -23.15 7.03 38.24
C GLY D 53 -24.14 5.98 37.80
N ILE D 54 -24.43 5.04 38.68
CA ILE D 54 -25.32 3.93 38.37
C ILE D 54 -26.73 4.42 38.00
N LYS D 55 -27.48 3.59 37.28
CA LYS D 55 -28.83 4.01 36.92
C LYS D 55 -29.84 3.68 38.01
N GLU D 56 -30.86 4.53 38.10
CA GLU D 56 -31.85 4.48 39.16
C GLU D 56 -32.39 3.09 39.44
N SER D 57 -32.95 2.46 38.42
CA SER D 57 -33.40 1.09 38.51
C SER D 57 -32.41 0.28 39.32
N THR D 58 -31.18 0.24 38.83
CA THR D 58 -30.13 -0.53 39.48
C THR D 58 -29.92 -0.07 40.91
N LYS D 59 -29.78 1.24 41.09
CA LYS D 59 -29.58 1.81 42.41
C LYS D 59 -30.63 1.26 43.38
N THR D 60 -31.88 1.44 43.01
CA THR D 60 -32.99 0.93 43.78
C THR D 60 -32.85 -0.57 44.08
N ASN D 61 -32.77 -1.37 43.01
CA ASN D 61 -32.80 -2.81 43.18
C ASN D 61 -31.70 -3.28 44.11
N THR D 62 -30.68 -2.45 44.27
CA THR D 62 -29.54 -2.79 45.11
C THR D 62 -29.93 -2.61 46.55
N LEU D 63 -30.56 -1.48 46.83
CA LEU D 63 -31.12 -1.26 48.14
C LEU D 63 -32.11 -2.36 48.53
N LYS D 64 -33.03 -2.72 47.63
CA LYS D 64 -33.93 -3.84 47.90
C LYS D 64 -33.13 -5.05 48.42
N LYS D 65 -32.21 -5.55 47.59
CA LYS D 65 -31.45 -6.75 47.93
C LYS D 65 -30.76 -6.52 49.26
N LEU D 66 -30.24 -5.31 49.44
CA LEU D 66 -29.50 -4.98 50.65
C LEU D 66 -30.39 -5.08 51.86
N LEU D 67 -31.47 -4.30 51.82
CA LEU D 67 -32.49 -4.30 52.84
C LEU D 67 -32.99 -5.71 53.15
N ARG D 68 -33.51 -6.37 52.13
CA ARG D 68 -33.94 -7.76 52.27
C ARG D 68 -32.95 -8.57 53.13
N PHE D 69 -31.73 -8.77 52.61
CA PHE D 69 -30.73 -9.54 53.33
C PHE D 69 -30.60 -9.14 54.80
N SER D 70 -30.44 -7.85 55.05
CA SER D 70 -30.07 -7.41 56.39
C SER D 70 -31.20 -7.51 57.41
N VAL D 71 -32.43 -7.25 56.96
CA VAL D 71 -33.58 -7.36 57.84
C VAL D 71 -33.72 -8.78 58.36
N GLU D 72 -33.44 -9.75 57.51
CA GLU D 72 -33.70 -11.15 57.84
C GLU D 72 -32.45 -11.91 58.29
N ALA D 73 -31.33 -11.21 58.40
CA ALA D 73 -30.08 -11.87 58.72
C ALA D 73 -29.07 -10.98 59.47
N GLY D 74 -29.14 -11.01 60.80
CA GLY D 74 -28.20 -10.30 61.64
C GLY D 74 -28.25 -8.78 61.55
N GLY D 75 -27.21 -8.14 62.05
CA GLY D 75 -27.12 -6.69 62.03
C GLY D 75 -25.90 -6.13 61.32
N LEU D 76 -26.12 -5.09 60.54
CA LEU D 76 -25.05 -4.47 59.76
C LEU D 76 -24.66 -3.11 60.35
N THR D 77 -23.36 -2.88 60.51
CA THR D 77 -22.86 -1.62 61.05
C THR D 77 -22.77 -0.54 59.98
N GLU D 78 -22.44 0.68 60.42
CA GLU D 78 -22.04 1.75 59.52
C GLU D 78 -20.69 1.38 58.90
N GLU D 79 -19.97 0.50 59.60
CA GLU D 79 -18.67 0.08 59.13
C GLU D 79 -18.81 -0.93 58.00
N ASN D 80 -19.53 -2.03 58.26
CA ASN D 80 -19.53 -3.17 57.36
C ASN D 80 -20.52 -3.11 56.19
N VAL D 81 -21.24 -2.00 56.04
CA VAL D 81 -22.21 -1.88 54.95
C VAL D 81 -21.52 -2.09 53.63
N VAL D 82 -20.64 -1.14 53.34
CA VAL D 82 -19.90 -1.08 52.08
C VAL D 82 -19.50 -2.45 51.56
N GLY D 83 -18.89 -3.26 52.41
CA GLY D 83 -18.54 -4.62 52.04
C GLY D 83 -19.73 -5.31 51.37
N LYS D 84 -20.83 -5.41 52.11
CA LYS D 84 -21.99 -6.13 51.62
C LYS D 84 -22.50 -5.49 50.34
N LEU D 85 -22.54 -4.18 50.34
CA LEU D 85 -22.98 -3.42 49.18
C LEU D 85 -22.19 -3.81 47.92
N GLN D 86 -20.87 -3.80 48.03
CA GLN D 86 -20.02 -4.14 46.90
C GLN D 86 -20.26 -5.57 46.44
N GLU D 87 -20.40 -6.50 47.38
CA GLU D 87 -20.69 -7.87 47.01
C GLU D 87 -21.94 -7.92 46.12
N ILE D 88 -22.96 -7.16 46.51
CA ILE D 88 -24.24 -7.20 45.83
C ILE D 88 -24.15 -6.70 44.40
N LEU D 89 -23.40 -5.60 44.22
CA LEU D 89 -23.15 -5.02 42.91
C LEU D 89 -22.33 -5.98 42.06
N CYS D 90 -21.27 -6.50 42.66
CA CYS D 90 -20.40 -7.42 41.96
C CYS D 90 -21.18 -8.64 41.44
N ASP D 91 -22.22 -9.04 42.14
CA ASP D 91 -22.97 -10.22 41.74
C ASP D 91 -23.83 -9.98 40.52
N MET D 92 -23.87 -8.72 40.09
CA MET D 92 -24.61 -8.35 38.90
C MET D 92 -23.73 -8.33 37.66
N LEU D 93 -22.42 -8.41 37.88
CA LEU D 93 -21.44 -8.40 36.80
C LEU D 93 -21.15 -9.84 36.43
N PRO D 94 -20.71 -10.08 35.19
CA PRO D 94 -20.40 -11.43 34.76
C PRO D 94 -19.40 -12.05 35.72
N SER D 95 -19.46 -13.37 35.88
CA SER D 95 -18.50 -14.10 36.70
C SER D 95 -17.04 -13.75 36.36
N ALA D 96 -16.16 -13.83 37.35
CA ALA D 96 -14.76 -13.45 37.18
C ALA D 96 -13.99 -14.22 36.10
N ASP D 97 -14.38 -15.46 35.85
CA ASP D 97 -13.67 -16.24 34.84
C ASP D 97 -13.89 -15.62 33.47
N LYS D 98 -14.78 -14.64 33.41
CA LYS D 98 -15.08 -13.97 32.15
C LYS D 98 -14.48 -12.57 32.11
N TRP D 99 -13.62 -12.29 33.09
CA TRP D 99 -12.81 -11.08 33.08
C TRP D 99 -11.34 -11.46 32.94
N GLN D 100 -10.51 -10.49 32.60
CA GLN D 100 -9.08 -10.71 32.65
C GLN D 100 -8.65 -11.92 31.85
N GLU D 101 -9.40 -12.25 30.80
CA GLU D 101 -8.93 -13.24 29.83
C GLU D 101 -7.64 -12.73 29.27
N PRO D 102 -6.58 -13.54 29.38
CA PRO D 102 -5.26 -13.20 28.85
C PRO D 102 -5.20 -13.33 27.33
N ILE D 103 -4.21 -12.69 26.74
CA ILE D 103 -3.95 -12.84 25.31
C ILE D 103 -3.32 -14.19 24.99
N HIS D 104 -4.04 -15.01 24.20
CA HIS D 104 -3.54 -16.31 23.76
C HIS D 104 -3.60 -16.44 22.24
N SER D 105 -4.71 -15.98 21.65
CA SER D 105 -4.94 -16.21 20.22
C SER D 105 -3.88 -15.54 19.38
N LYS D 106 -3.72 -16.00 18.13
CA LYS D 106 -2.69 -15.41 17.29
C LYS D 106 -3.05 -13.97 16.95
N TYR D 107 -4.26 -13.78 16.47
CA TYR D 107 -4.73 -12.47 16.04
C TYR D 107 -5.47 -11.74 17.16
N ILE D 108 -5.07 -10.49 17.39
CA ILE D 108 -5.66 -9.65 18.39
C ILE D 108 -6.24 -8.43 17.70
N VAL D 109 -7.57 -8.32 17.71
CA VAL D 109 -8.29 -7.25 17.02
C VAL D 109 -9.00 -6.31 17.97
N LEU D 110 -8.75 -5.01 17.85
CA LEU D 110 -9.58 -4.04 18.56
C LEU D 110 -10.42 -3.26 17.57
N PHE D 111 -11.69 -3.09 17.89
CA PHE D 111 -12.53 -2.19 17.13
C PHE D 111 -13.34 -1.41 18.15
N GLY D 112 -13.83 -0.24 17.75
CA GLY D 112 -14.64 0.57 18.64
C GLY D 112 -14.90 1.96 18.12
N SER D 113 -15.26 2.85 19.04
CA SER D 113 -15.73 4.18 18.66
C SER D 113 -14.59 5.05 18.23
N THR D 114 -14.91 6.10 17.48
CA THR D 114 -13.90 7.03 17.00
C THR D 114 -13.20 7.75 18.17
N GLY D 115 -11.89 7.72 18.17
CA GLY D 115 -11.13 8.50 19.13
C GLY D 115 -11.04 7.86 20.49
N ALA D 116 -11.63 6.69 20.64
CA ALA D 116 -11.68 6.02 21.93
C ALA D 116 -10.33 5.59 22.49
N GLY D 117 -9.34 5.41 21.62
CA GLY D 117 -8.01 5.07 22.07
C GLY D 117 -7.55 3.71 21.60
N LYS D 118 -8.19 3.21 20.55
CA LYS D 118 -7.86 1.88 20.03
C LYS D 118 -6.38 1.75 19.64
N THR D 119 -5.95 2.54 18.67
CA THR D 119 -4.57 2.50 18.23
C THR D 119 -3.60 2.56 19.42
N THR D 120 -3.81 3.54 20.31
CA THR D 120 -2.90 3.73 21.45
C THR D 120 -2.87 2.50 22.31
N THR D 121 -4.03 1.91 22.52
CA THR D 121 -4.12 0.71 23.31
C THR D 121 -3.45 -0.49 22.63
N LEU D 122 -3.61 -0.59 21.31
CA LEU D 122 -2.99 -1.68 20.56
C LEU D 122 -1.48 -1.65 20.78
N ALA D 123 -0.91 -0.46 20.70
CA ALA D 123 0.51 -0.28 20.89
C ALA D 123 0.93 -0.86 22.24
N LYS D 124 0.24 -0.41 23.29
CA LYS D 124 0.55 -0.84 24.64
C LYS D 124 0.51 -2.37 24.70
N LEU D 125 -0.59 -2.96 24.23
CA LEU D 125 -0.75 -4.41 24.24
C LEU D 125 0.39 -5.10 23.56
N ALA D 126 0.76 -4.60 22.39
CA ALA D 126 1.84 -5.19 21.61
C ALA D 126 3.16 -5.11 22.38
N ALA D 127 3.50 -3.90 22.84
CA ALA D 127 4.68 -3.68 23.64
C ALA D 127 4.81 -4.69 24.79
N ILE D 128 3.69 -5.03 25.40
CA ILE D 128 3.72 -5.99 26.50
C ILE D 128 4.10 -7.33 25.91
N SER D 129 3.47 -7.68 24.80
CA SER D 129 3.67 -9.01 24.25
C SER D 129 5.15 -9.23 23.90
N MET D 130 5.75 -8.26 23.21
CA MET D 130 7.15 -8.36 22.84
C MET D 130 8.05 -8.28 24.06
N LEU D 131 8.09 -7.12 24.70
CA LEU D 131 9.05 -6.87 25.77
C LEU D 131 8.88 -7.74 27.02
N GLU D 132 7.67 -7.78 27.57
CA GLU D 132 7.46 -8.54 28.80
C GLU D 132 7.32 -10.03 28.55
N LYS D 133 6.60 -10.42 27.51
CA LYS D 133 6.36 -11.84 27.28
C LYS D 133 7.20 -12.44 26.15
N HIS D 134 8.04 -11.61 25.53
CA HIS D 134 9.06 -12.09 24.60
C HIS D 134 8.53 -12.84 23.38
N LYS D 135 7.62 -12.20 22.66
CA LYS D 135 6.93 -12.85 21.55
C LYS D 135 7.21 -12.18 20.21
N LYS D 136 7.16 -12.97 19.16
CA LYS D 136 7.31 -12.48 17.81
C LYS D 136 6.01 -11.83 17.40
N ILE D 137 6.01 -10.51 17.25
CA ILE D 137 4.77 -9.80 16.94
C ILE D 137 4.79 -9.09 15.60
N ALA D 138 3.60 -8.77 15.10
CA ALA D 138 3.45 -8.07 13.84
C ALA D 138 2.09 -7.38 13.81
N PHE D 139 1.96 -6.39 12.93
CA PHE D 139 0.76 -5.56 12.90
C PHE D 139 0.02 -5.64 11.57
N ILE D 140 -1.30 -5.61 11.66
CA ILE D 140 -2.08 -5.30 10.51
C ILE D 140 -2.88 -4.08 10.87
N THR D 141 -2.99 -3.14 9.94
CA THR D 141 -3.96 -2.09 10.11
C THR D 141 -4.95 -2.06 8.95
N THR D 142 -6.15 -1.61 9.28
CA THR D 142 -7.27 -1.68 8.40
C THR D 142 -7.83 -0.26 8.29
N ASP D 143 -7.32 0.63 9.14
CA ASP D 143 -7.74 2.04 9.16
C ASP D 143 -7.10 2.86 8.04
N THR D 144 -7.66 2.68 6.86
CA THR D 144 -7.30 3.45 5.70
C THR D 144 -8.01 4.78 5.73
N TYR D 145 -9.09 4.84 6.49
CA TYR D 145 -10.00 5.97 6.43
C TYR D 145 -9.48 7.24 7.07
N ARG D 146 -9.04 7.17 8.31
CA ARG D 146 -8.67 8.40 8.98
C ARG D 146 -7.23 8.81 8.73
N ILE D 147 -7.06 10.11 8.57
CA ILE D 147 -5.81 10.65 8.11
C ILE D 147 -4.68 10.47 9.12
N ALA D 148 -3.61 9.83 8.63
CA ALA D 148 -2.37 9.55 9.37
C ALA D 148 -2.52 8.43 10.37
N ALA D 149 -3.63 7.72 10.31
CA ALA D 149 -3.82 6.58 11.18
C ALA D 149 -2.76 5.52 10.89
N VAL D 150 -2.40 5.32 9.62
CA VAL D 150 -1.35 4.35 9.29
C VAL D 150 0.00 4.81 9.77
N GLU D 151 0.37 6.07 9.51
CA GLU D 151 1.61 6.60 10.06
C GLU D 151 1.66 6.31 11.55
N GLN D 152 0.61 6.68 12.25
CA GLN D 152 0.53 6.44 13.67
C GLN D 152 1.02 5.03 14.04
N LEU D 153 0.34 4.01 13.54
CA LEU D 153 0.70 2.65 13.91
C LEU D 153 2.08 2.27 13.36
N LYS D 154 2.43 2.82 12.21
CA LYS D 154 3.73 2.54 11.60
C LYS D 154 4.83 2.96 12.56
N THR D 155 4.70 4.14 13.13
CA THR D 155 5.78 4.63 13.97
C THR D 155 5.93 3.79 15.23
N TYR D 156 4.82 3.21 15.70
CA TYR D 156 4.90 2.26 16.79
C TYR D 156 5.61 0.99 16.33
N ALA D 157 5.24 0.53 15.16
CA ALA D 157 5.78 -0.71 14.66
C ALA D 157 7.28 -0.52 14.43
N GLU D 158 7.67 0.70 14.05
CA GLU D 158 9.05 0.96 13.78
C GLU D 158 9.81 0.90 15.08
N LEU D 159 9.30 1.58 16.09
CA LEU D 159 9.92 1.53 17.41
C LEU D 159 10.15 0.10 17.91
N LEU D 160 9.12 -0.73 17.74
CA LEU D 160 9.10 -2.10 18.21
C LEU D 160 9.80 -3.02 17.22
N GLN D 161 10.25 -2.45 16.11
CA GLN D 161 10.90 -3.24 15.08
C GLN D 161 10.05 -4.42 14.67
N ALA D 162 8.76 -4.17 14.40
CA ALA D 162 7.89 -5.21 13.88
C ALA D 162 7.33 -4.81 12.54
N PRO D 163 7.02 -5.80 11.69
CA PRO D 163 6.48 -5.53 10.36
C PRO D 163 5.00 -5.11 10.47
N LEU D 164 4.49 -4.46 9.43
CA LEU D 164 3.13 -3.93 9.44
C LEU D 164 2.55 -3.99 8.04
N GLU D 165 1.35 -4.57 7.95
CA GLU D 165 0.63 -4.64 6.67
C GLU D 165 -0.64 -3.81 6.75
N VAL D 166 -0.85 -2.95 5.76
CA VAL D 166 -2.14 -2.29 5.56
C VAL D 166 -3.09 -3.15 4.70
N CYS D 167 -4.34 -3.28 5.11
CA CYS D 167 -5.26 -4.14 4.38
C CYS D 167 -6.54 -3.41 4.07
N TYR D 168 -6.87 -3.34 2.79
CA TYR D 168 -8.10 -2.68 2.36
C TYR D 168 -9.24 -3.66 2.21
N THR D 169 -8.92 -4.95 2.15
CA THR D 169 -9.88 -5.97 1.80
C THR D 169 -9.63 -7.24 2.60
N LYS D 170 -10.63 -8.09 2.68
CA LYS D 170 -10.45 -9.36 3.38
C LYS D 170 -9.37 -10.23 2.73
N GLU D 171 -9.28 -10.15 1.40
CA GLU D 171 -8.28 -10.92 0.67
C GLU D 171 -6.90 -10.50 1.13
N GLU D 172 -6.62 -9.21 1.06
CA GLU D 172 -5.34 -8.68 1.52
C GLU D 172 -5.04 -9.13 2.95
N PHE D 173 -6.06 -9.09 3.81
CA PHE D 173 -5.91 -9.57 5.17
C PHE D 173 -5.55 -11.04 5.17
N GLN D 174 -6.26 -11.83 4.38
CA GLN D 174 -6.03 -13.26 4.31
C GLN D 174 -4.59 -13.51 3.83
N GLN D 175 -4.16 -12.72 2.85
CA GLN D 175 -2.79 -12.78 2.35
C GLN D 175 -1.83 -12.48 3.48
N ALA D 176 -1.95 -11.29 4.06
CA ALA D 176 -1.14 -10.92 5.20
C ALA D 176 -0.96 -12.08 6.21
N LYS D 177 -2.04 -12.83 6.45
CA LYS D 177 -2.00 -14.01 7.30
C LYS D 177 -0.89 -14.97 6.88
N GLU D 178 -0.75 -15.18 5.58
CA GLU D 178 0.28 -16.06 5.06
C GLU D 178 1.66 -15.59 5.45
N LEU D 179 1.96 -14.33 5.18
CA LEU D 179 3.28 -13.73 5.48
C LEU D 179 3.63 -13.80 6.96
N PHE D 180 2.63 -13.62 7.81
CA PHE D 180 2.89 -13.62 9.24
C PHE D 180 2.74 -14.99 9.90
N SER D 181 2.75 -16.04 9.09
CA SER D 181 2.45 -17.35 9.62
C SER D 181 3.46 -17.78 10.68
N GLU D 182 4.65 -17.19 10.62
CA GLU D 182 5.73 -17.55 11.55
C GLU D 182 5.69 -16.74 12.84
N TYR D 183 4.69 -15.89 12.99
CA TYR D 183 4.63 -15.03 14.17
C TYR D 183 3.76 -15.57 15.29
N ASP D 184 3.96 -15.02 16.48
CA ASP D 184 3.20 -15.43 17.64
C ASP D 184 1.90 -14.68 17.68
N HIS D 185 2.01 -13.36 17.59
CA HIS D 185 0.84 -12.51 17.64
C HIS D 185 0.87 -11.46 16.55
N VAL D 186 -0.31 -11.26 15.97
CA VAL D 186 -0.54 -10.19 15.04
C VAL D 186 -1.59 -9.27 15.63
N PHE D 187 -1.20 -8.05 15.95
CA PHE D 187 -2.14 -7.06 16.48
C PHE D 187 -2.79 -6.27 15.36
N VAL D 188 -4.11 -6.34 15.30
CA VAL D 188 -4.88 -5.79 14.20
C VAL D 188 -5.61 -4.55 14.64
N ASP D 189 -5.33 -3.43 13.97
CA ASP D 189 -6.03 -2.17 14.26
C ASP D 189 -7.15 -1.95 13.23
N THR D 190 -8.16 -1.16 13.59
CA THR D 190 -9.28 -0.90 12.67
C THR D 190 -9.78 0.54 12.78
N ALA D 191 -10.47 0.99 11.74
CA ALA D 191 -10.97 2.36 11.70
C ALA D 191 -12.20 2.50 12.56
N GLY D 192 -12.18 3.52 13.42
CA GLY D 192 -13.33 3.82 14.24
C GLY D 192 -14.47 4.35 13.40
N ARG D 193 -15.66 3.85 13.67
CA ARG D 193 -16.83 4.35 12.98
C ARG D 193 -17.97 4.68 13.92
N ASN D 194 -19.00 5.27 13.36
CA ASN D 194 -20.24 5.50 14.04
C ASN D 194 -21.06 4.21 13.97
N PHE D 195 -20.78 3.30 14.91
CA PHE D 195 -21.33 1.95 14.85
C PHE D 195 -22.81 1.87 15.24
N LYS D 196 -23.40 3.01 15.62
CA LYS D 196 -24.85 3.08 15.71
C LYS D 196 -25.42 2.67 14.35
N ASP D 197 -24.95 3.36 13.31
CA ASP D 197 -25.29 3.01 11.93
C ASP D 197 -24.62 1.68 11.66
N PRO D 198 -25.36 0.72 11.08
CA PRO D 198 -24.87 -0.65 11.06
C PRO D 198 -24.11 -1.05 9.79
N GLN D 199 -24.07 -0.19 8.78
CA GLN D 199 -23.30 -0.52 7.60
C GLN D 199 -21.83 -0.71 7.94
N TYR D 200 -21.39 -0.07 9.03
CA TYR D 200 -20.01 -0.18 9.44
C TYR D 200 -19.76 -1.50 10.17
N ILE D 201 -20.81 -2.00 10.82
CA ILE D 201 -20.76 -3.34 11.34
C ILE D 201 -20.60 -4.27 10.15
N ASP D 202 -21.32 -3.99 9.09
CA ASP D 202 -21.20 -4.81 7.90
C ASP D 202 -19.80 -4.67 7.35
N GLU D 203 -19.39 -3.45 7.08
CA GLU D 203 -18.03 -3.19 6.63
C GLU D 203 -17.04 -4.03 7.47
N LEU D 204 -17.04 -3.86 8.78
CA LEU D 204 -16.13 -4.57 9.67
C LEU D 204 -16.15 -6.10 9.47
N LYS D 205 -17.34 -6.67 9.54
CA LYS D 205 -17.51 -8.11 9.32
C LYS D 205 -17.03 -8.51 7.93
N GLU D 206 -17.14 -7.63 6.94
CA GLU D 206 -16.71 -8.00 5.60
C GLU D 206 -15.22 -7.76 5.38
N THR D 207 -14.52 -7.38 6.44
CA THR D 207 -13.09 -7.12 6.30
C THR D 207 -12.27 -8.05 7.21
N ILE D 208 -12.81 -8.38 8.38
CA ILE D 208 -12.13 -9.27 9.30
C ILE D 208 -12.64 -10.71 9.19
N PRO D 209 -11.72 -11.69 9.09
CA PRO D 209 -12.08 -13.10 9.23
C PRO D 209 -12.14 -13.53 10.69
N PHE D 210 -13.32 -13.64 11.26
CA PHE D 210 -13.47 -14.05 12.66
C PHE D 210 -13.46 -15.59 12.81
N GLU D 211 -13.53 -16.27 11.68
CA GLU D 211 -13.20 -17.69 11.54
C GLU D 211 -11.93 -18.10 12.27
N SER D 212 -10.98 -17.18 12.36
CA SER D 212 -9.61 -17.53 12.70
C SER D 212 -9.36 -17.73 14.19
N SER D 213 -8.12 -18.03 14.52
CA SER D 213 -7.66 -17.97 15.89
C SER D 213 -7.56 -16.50 16.22
N ILE D 214 -8.60 -15.95 16.87
CA ILE D 214 -8.69 -14.51 17.05
C ILE D 214 -9.42 -14.09 18.32
N GLN D 215 -8.82 -13.16 19.06
CA GLN D 215 -9.48 -12.56 20.21
C GLN D 215 -9.88 -11.13 19.85
N SER D 216 -11.14 -10.78 20.07
CA SER D 216 -11.67 -9.52 19.61
C SER D 216 -12.15 -8.67 20.79
N PHE D 217 -11.61 -7.46 20.90
CA PHE D 217 -11.94 -6.58 22.02
C PHE D 217 -12.75 -5.37 21.52
N LEU D 218 -13.93 -5.18 22.12
CA LEU D 218 -14.71 -4.01 21.81
C LEU D 218 -14.17 -2.91 22.70
N VAL D 219 -13.85 -1.76 22.12
CA VAL D 219 -13.23 -0.68 22.88
C VAL D 219 -14.16 0.51 23.06
N LEU D 220 -14.42 0.86 24.32
CA LEU D 220 -15.30 1.97 24.61
C LEU D 220 -14.66 2.93 25.59
N SER D 221 -15.02 4.21 25.47
CA SER D 221 -14.46 5.25 26.31
C SER D 221 -15.21 5.38 27.64
N ALA D 222 -14.48 5.29 28.74
CA ALA D 222 -15.08 5.48 30.07
C ALA D 222 -15.78 6.83 30.20
N THR D 223 -15.56 7.70 29.22
CA THR D 223 -16.16 9.03 29.24
C THR D 223 -17.50 9.09 28.52
N ALA D 224 -17.86 7.97 27.88
CA ALA D 224 -19.08 7.87 27.08
C ALA D 224 -20.37 7.73 27.88
N LYS D 225 -21.45 8.29 27.33
CA LYS D 225 -22.76 8.16 27.94
C LYS D 225 -23.31 6.75 27.79
N TYR D 226 -23.90 6.24 28.88
CA TYR D 226 -24.47 4.89 28.91
C TYR D 226 -25.45 4.64 27.77
N GLU D 227 -26.36 5.60 27.57
CA GLU D 227 -27.36 5.41 26.53
C GLU D 227 -26.69 5.28 25.16
N ASP D 228 -25.53 5.90 24.99
CA ASP D 228 -24.78 5.76 23.74
C ASP D 228 -24.25 4.34 23.63
N MET D 229 -23.42 3.96 24.61
CA MET D 229 -22.78 2.65 24.62
C MET D 229 -23.81 1.53 24.49
N LYS D 230 -24.96 1.70 25.14
CA LYS D 230 -26.02 0.70 25.08
C LYS D 230 -26.28 0.33 23.63
N HIS D 231 -26.45 1.35 22.79
CA HIS D 231 -26.79 1.15 21.39
C HIS D 231 -25.64 0.49 20.64
N ILE D 232 -24.44 1.00 20.87
CA ILE D 232 -23.28 0.40 20.23
C ILE D 232 -23.24 -1.10 20.51
N VAL D 233 -23.40 -1.49 21.78
CA VAL D 233 -23.31 -2.89 22.14
C VAL D 233 -24.38 -3.75 21.46
N LYS D 234 -25.56 -3.17 21.21
CA LYS D 234 -26.61 -3.87 20.45
C LYS D 234 -26.13 -4.15 19.03
N ARG D 235 -25.59 -3.12 18.37
CA ARG D 235 -25.15 -3.25 16.99
C ARG D 235 -24.04 -4.27 16.85
N PHE D 236 -23.23 -4.40 17.89
CA PHE D 236 -22.13 -5.35 17.88
C PHE D 236 -22.61 -6.77 18.19
N SER D 237 -23.91 -6.92 18.38
CA SER D 237 -24.46 -8.22 18.72
C SER D 237 -24.01 -9.34 17.76
N SER D 238 -24.03 -9.06 16.46
CA SER D 238 -23.77 -10.09 15.46
C SER D 238 -22.29 -10.38 15.23
N VAL D 239 -21.43 -9.85 16.09
CA VAL D 239 -19.99 -10.05 15.92
C VAL D 239 -19.37 -10.54 17.21
N PRO D 240 -18.48 -11.54 17.11
CA PRO D 240 -18.01 -12.30 18.27
C PRO D 240 -16.97 -11.56 19.11
N VAL D 241 -17.44 -10.58 19.89
CA VAL D 241 -16.61 -9.91 20.90
C VAL D 241 -16.26 -10.82 22.09
N ASN D 242 -14.99 -10.88 22.45
CA ASN D 242 -14.54 -11.70 23.57
C ASN D 242 -14.45 -10.96 24.90
N GLN D 243 -14.00 -9.70 24.84
CA GLN D 243 -13.80 -8.87 26.01
C GLN D 243 -14.08 -7.41 25.67
N TYR D 244 -14.32 -6.62 26.71
CA TYR D 244 -14.39 -5.18 26.58
C TYR D 244 -13.02 -4.60 26.91
N ILE D 245 -12.77 -3.39 26.43
CA ILE D 245 -11.67 -2.59 26.93
C ILE D 245 -12.25 -1.22 27.19
N PHE D 246 -11.99 -0.70 28.38
CA PHE D 246 -12.45 0.63 28.70
C PHE D 246 -11.27 1.56 28.85
N THR D 247 -11.36 2.69 28.14
CA THR D 247 -10.23 3.59 28.05
C THR D 247 -10.54 4.87 28.80
N LYS D 248 -9.51 5.62 29.13
CA LYS D 248 -9.66 6.95 29.70
C LYS D 248 -10.38 6.93 31.04
N ILE D 249 -10.19 5.88 31.83
CA ILE D 249 -10.82 5.87 33.16
C ILE D 249 -10.18 6.97 34.01
N ASP D 250 -9.09 7.53 33.51
CA ASP D 250 -8.37 8.56 34.20
C ASP D 250 -9.01 9.89 33.90
N GLU D 251 -10.04 9.85 33.07
CA GLU D 251 -10.52 11.06 32.44
C GLU D 251 -11.98 11.36 32.87
N THR D 252 -12.61 10.40 33.53
CA THR D 252 -14.02 10.49 33.89
C THR D 252 -14.22 10.56 35.40
N THR D 253 -15.31 11.21 35.83
CA THR D 253 -15.61 11.38 37.24
C THR D 253 -16.27 10.17 37.90
N SER D 254 -17.03 9.40 37.13
CA SER D 254 -17.73 8.24 37.67
C SER D 254 -17.59 7.06 36.70
N LEU D 255 -17.63 5.84 37.24
CA LEU D 255 -17.62 4.64 36.42
C LEU D 255 -18.99 3.97 36.33
N GLY D 256 -20.01 4.64 36.87
CA GLY D 256 -21.35 4.10 36.84
C GLY D 256 -21.78 3.70 35.45
N SER D 257 -21.57 4.58 34.46
CA SER D 257 -21.99 4.27 33.11
C SER D 257 -21.44 2.93 32.67
N VAL D 258 -20.16 2.70 32.95
CA VAL D 258 -19.46 1.49 32.51
C VAL D 258 -20.02 0.27 33.21
N PHE D 259 -20.24 0.41 34.52
CA PHE D 259 -20.90 -0.64 35.27
C PHE D 259 -22.22 -1.03 34.57
N ASN D 260 -23.09 -0.04 34.37
CA ASN D 260 -24.38 -0.29 33.76
C ASN D 260 -24.28 -1.16 32.51
N ILE D 261 -23.26 -0.94 31.70
CA ILE D 261 -23.11 -1.72 30.48
C ILE D 261 -22.73 -3.13 30.81
N LEU D 262 -21.71 -3.25 31.65
CA LEU D 262 -21.19 -4.55 32.04
C LEU D 262 -22.27 -5.41 32.69
N ALA D 263 -23.19 -4.78 33.41
CA ALA D 263 -24.24 -5.51 34.11
C ALA D 263 -25.18 -6.23 33.13
N GLU D 264 -25.43 -5.61 31.98
CA GLU D 264 -26.26 -6.21 30.94
C GLU D 264 -25.45 -6.99 29.93
N SER D 265 -24.29 -7.51 30.33
CA SER D 265 -23.40 -8.16 29.37
C SER D 265 -22.99 -9.56 29.80
N LYS D 266 -22.76 -10.43 28.83
CA LYS D 266 -22.32 -11.78 29.13
C LYS D 266 -20.79 -11.89 29.18
N ILE D 267 -20.09 -10.81 28.88
CA ILE D 267 -18.63 -10.84 28.90
C ILE D 267 -18.07 -9.78 29.84
N GLY D 268 -16.86 -10.02 30.33
CA GLY D 268 -16.21 -9.09 31.24
C GLY D 268 -15.21 -8.14 30.58
N VAL D 269 -14.36 -7.52 31.38
CA VAL D 269 -13.39 -6.59 30.83
C VAL D 269 -11.97 -7.15 30.83
N GLY D 270 -11.31 -7.02 29.69
CA GLY D 270 -9.99 -7.60 29.54
C GLY D 270 -8.93 -6.62 29.97
N PHE D 271 -9.18 -5.35 29.69
CA PHE D 271 -8.24 -4.29 30.03
C PHE D 271 -8.95 -2.97 30.28
N MET D 272 -8.26 -2.08 30.99
CA MET D 272 -8.65 -0.70 31.13
C MET D 272 -7.42 0.15 30.93
N THR D 273 -7.61 1.32 30.35
CA THR D 273 -6.48 2.23 30.15
C THR D 273 -6.69 3.50 30.97
N ASN D 274 -5.60 4.13 31.38
CA ASN D 274 -5.71 5.23 32.30
C ASN D 274 -4.74 6.34 32.04
N GLY D 275 -4.41 6.55 30.77
CA GLY D 275 -3.52 7.62 30.40
C GLY D 275 -2.98 7.45 29.01
N GLN D 276 -2.24 8.44 28.54
CA GLN D 276 -1.79 8.45 27.17
C GLN D 276 -0.41 7.79 27.00
N ASN D 277 0.20 7.38 28.10
CA ASN D 277 1.58 6.91 28.03
C ASN D 277 1.76 5.43 27.68
N VAL D 278 2.52 5.18 26.62
CA VAL D 278 2.82 3.82 26.18
C VAL D 278 4.23 3.46 26.66
N PRO D 279 4.36 2.27 27.23
CA PRO D 279 3.25 1.33 27.33
C PRO D 279 2.68 1.25 28.73
N GLU D 280 3.02 2.18 29.62
CA GLU D 280 2.71 2.02 31.05
C GLU D 280 1.23 2.01 31.40
N ASP D 281 0.47 2.96 30.85
CA ASP D 281 -0.90 3.28 31.28
C ASP D 281 -1.98 2.28 30.83
N ILE D 282 -1.76 1.00 31.10
CA ILE D 282 -2.80 0.01 30.93
C ILE D 282 -2.85 -0.87 32.21
N GLN D 283 -3.97 -1.51 32.46
CA GLN D 283 -4.12 -2.37 33.63
C GLN D 283 -5.25 -3.37 33.43
N THR D 284 -5.33 -4.36 34.31
CA THR D 284 -6.45 -5.32 34.28
C THR D 284 -7.23 -5.30 35.59
N VAL D 285 -8.47 -5.77 35.58
CA VAL D 285 -9.29 -5.75 36.80
C VAL D 285 -10.21 -6.93 36.93
N SER D 286 -10.45 -7.31 38.19
CA SER D 286 -11.45 -8.29 38.53
C SER D 286 -12.76 -7.57 38.83
N PRO D 287 -13.88 -8.31 38.76
CA PRO D 287 -15.18 -7.68 39.04
C PRO D 287 -15.14 -6.90 40.35
N LEU D 288 -14.58 -7.50 41.40
CA LEU D 288 -14.49 -6.82 42.69
C LEU D 288 -13.61 -5.57 42.60
N GLY D 289 -12.38 -5.75 42.10
CA GLY D 289 -11.51 -4.63 41.89
C GLY D 289 -12.20 -3.50 41.16
N PHE D 290 -12.99 -3.86 40.14
CA PHE D 290 -13.77 -2.86 39.42
C PHE D 290 -14.77 -2.13 40.31
N VAL D 291 -15.54 -2.88 41.07
CA VAL D 291 -16.53 -2.29 41.96
C VAL D 291 -15.89 -1.36 43.02
N ARG D 292 -14.72 -1.71 43.52
CA ARG D 292 -14.03 -0.80 44.43
C ARG D 292 -13.80 0.56 43.80
N MET D 293 -13.36 0.54 42.53
CA MET D 293 -13.16 1.78 41.80
C MET D 293 -14.45 2.57 41.71
N LEU D 294 -15.56 1.86 41.57
CA LEU D 294 -16.85 2.47 41.36
C LEU D 294 -17.22 3.31 42.54
N CYS D 295 -16.80 2.84 43.71
CA CYS D 295 -17.16 3.45 44.98
C CYS D 295 -16.07 4.39 45.52
N ARG D 296 -15.40 5.05 44.59
CA ARG D 296 -14.40 6.08 44.91
C ARG D 296 -13.15 5.48 45.53
N TYR E 6 -0.97 -26.49 -12.64
CA TYR E 6 -0.51 -25.77 -13.82
C TYR E 6 -0.18 -24.34 -13.44
N ASP E 7 1.10 -24.05 -13.28
CA ASP E 7 1.53 -22.80 -12.69
C ASP E 7 3.02 -22.93 -12.61
N GLN E 8 3.77 -21.90 -13.00
CA GLN E 8 5.20 -22.05 -13.00
C GLN E 8 5.66 -22.43 -11.59
N ALA E 9 4.78 -22.25 -10.60
CA ALA E 9 5.14 -22.57 -9.22
C ALA E 9 4.63 -23.90 -8.74
N ALA E 10 3.96 -24.63 -9.62
CA ALA E 10 3.46 -25.97 -9.30
C ALA E 10 4.37 -26.78 -8.34
N THR E 11 5.59 -27.06 -8.73
CA THR E 11 6.48 -27.82 -7.85
C THR E 11 6.61 -27.19 -6.46
N LEU E 12 6.89 -25.89 -6.38
CA LEU E 12 7.13 -25.26 -5.09
C LEU E 12 5.92 -25.47 -4.23
N ARG E 13 4.76 -25.25 -4.83
CA ARG E 13 3.50 -25.37 -4.12
C ARG E 13 3.39 -26.76 -3.51
N ALA E 14 3.65 -27.78 -4.32
CA ALA E 14 3.65 -29.17 -3.86
C ALA E 14 4.62 -29.42 -2.73
N LYS E 15 5.77 -28.77 -2.76
CA LYS E 15 6.74 -28.96 -1.71
C LYS E 15 6.24 -28.36 -0.42
N MET E 16 5.60 -27.20 -0.50
CA MET E 16 5.06 -26.55 0.70
C MET E 16 3.86 -27.30 1.30
N GLU E 17 3.04 -27.89 0.43
CA GLU E 17 1.92 -28.72 0.87
C GLU E 17 2.42 -29.89 1.69
N LYS E 18 3.53 -30.48 1.25
CA LYS E 18 4.13 -31.64 1.89
C LYS E 18 4.72 -31.27 3.26
N ARG E 19 5.41 -30.13 3.32
CA ARG E 19 5.93 -29.61 4.58
C ARG E 19 4.81 -29.50 5.61
N GLU E 20 3.74 -28.84 5.20
CA GLU E 20 2.55 -28.67 6.02
C GLU E 20 2.08 -30.00 6.59
N ARG E 21 2.16 -31.06 5.79
CA ARG E 21 1.68 -32.38 6.19
C ARG E 21 2.50 -32.97 7.35
N TYR F 6 4.17 7.29 -9.80
CA TYR F 6 5.32 6.46 -10.13
C TYR F 6 4.86 5.04 -10.41
N ASP F 7 4.75 4.71 -11.69
CA ASP F 7 4.11 3.47 -12.09
C ASP F 7 4.15 3.49 -13.60
N GLN F 8 4.50 2.40 -14.23
CA GLN F 8 4.63 2.45 -15.67
C GLN F 8 3.28 2.90 -16.25
N ALA F 9 2.23 2.85 -15.43
CA ALA F 9 0.91 3.24 -15.92
C ALA F 9 0.48 4.63 -15.51
N ALA F 10 1.37 5.35 -14.84
CA ALA F 10 1.12 6.74 -14.43
C ALA F 10 0.31 7.56 -15.45
N THR F 11 0.78 7.68 -16.68
CA THR F 11 0.05 8.47 -17.67
C THR F 11 -1.38 7.96 -17.89
N LEU F 12 -1.53 6.65 -18.09
CA LEU F 12 -2.85 6.08 -18.34
C LEU F 12 -3.79 6.41 -17.20
N ARG F 13 -3.29 6.23 -15.99
CA ARG F 13 -4.06 6.49 -14.80
C ARG F 13 -4.57 7.92 -14.83
N ALA F 14 -3.66 8.86 -15.08
CA ALA F 14 -3.99 10.28 -15.17
C ALA F 14 -5.05 10.56 -16.24
N LYS F 15 -5.00 9.84 -17.34
CA LYS F 15 -5.98 10.06 -18.41
C LYS F 15 -7.35 9.63 -17.95
N MET F 16 -7.38 8.49 -17.25
CA MET F 16 -8.64 7.96 -16.76
C MET F 16 -9.27 8.83 -15.66
N GLU F 17 -8.43 9.35 -14.78
CA GLU F 17 -8.89 10.31 -13.76
C GLU F 17 -9.58 11.51 -14.42
N LYS F 18 -9.02 11.98 -15.54
CA LYS F 18 -9.53 13.14 -16.27
C LYS F 18 -10.87 12.84 -16.91
N ARG F 19 -10.96 11.67 -17.53
CA ARG F 19 -12.21 11.22 -18.11
C ARG F 19 -13.32 11.25 -17.06
N GLU F 20 -13.04 10.62 -15.92
CA GLU F 20 -13.94 10.61 -14.78
C GLU F 20 -14.45 12.00 -14.42
N ARG F 21 -13.56 12.99 -14.50
CA ARG F 21 -13.89 14.37 -14.14
C ARG F 21 -14.95 14.97 -15.07
N TYR G 6 -11.21 7.09 -1.04
CA TYR G 6 -11.59 6.57 0.28
C TYR G 6 -10.65 7.12 1.34
N ASP G 7 -11.13 8.11 2.08
CA ASP G 7 -10.27 8.89 2.95
C ASP G 7 -11.16 9.96 3.51
N GLN G 8 -11.10 10.20 4.82
CA GLN G 8 -12.01 11.17 5.38
C GLN G 8 -11.82 12.51 4.66
N ALA G 9 -10.72 12.62 3.92
CA ALA G 9 -10.45 13.89 3.23
C ALA G 9 -10.80 13.87 1.76
N ALA G 10 -11.35 12.74 1.30
CA ALA G 10 -11.77 12.60 -0.09
C ALA G 10 -12.32 13.88 -0.72
N THR G 11 -13.42 14.40 -0.19
CA THR G 11 -13.97 15.64 -0.75
C THR G 11 -12.94 16.76 -0.87
N LEU G 12 -12.21 17.04 0.22
CA LEU G 12 -11.28 18.17 0.23
C LEU G 12 -10.28 17.99 -0.88
N ARG G 13 -9.79 16.76 -0.99
CA ARG G 13 -8.80 16.41 -2.02
C ARG G 13 -9.32 16.75 -3.41
N ALA G 14 -10.53 16.30 -3.69
CA ALA G 14 -11.23 16.59 -4.93
C ALA G 14 -11.39 18.08 -5.21
N LYS G 15 -11.64 18.86 -4.17
CA LYS G 15 -11.78 20.30 -4.35
C LYS G 15 -10.45 20.92 -4.74
N MET G 16 -9.38 20.48 -4.11
CA MET G 16 -8.05 21.01 -4.41
C MET G 16 -7.56 20.60 -5.80
N GLU G 17 -7.88 19.39 -6.21
CA GLU G 17 -7.57 18.93 -7.57
C GLU G 17 -8.22 19.85 -8.60
N LYS G 18 -9.45 20.27 -8.31
CA LYS G 18 -10.24 21.13 -9.21
C LYS G 18 -9.66 22.53 -9.27
N ARG G 19 -9.28 23.07 -8.13
CA ARG G 19 -8.62 24.36 -8.07
C ARG G 19 -7.40 24.37 -8.98
N GLU G 20 -6.54 23.37 -8.79
CA GLU G 20 -5.35 23.15 -9.61
C GLU G 20 -5.66 23.21 -11.11
N ARG G 21 -6.80 22.63 -11.51
CA ARG G 21 -7.18 22.56 -12.91
C ARG G 21 -7.43 23.96 -13.51
N TYR H 6 9.77 13.66 25.35
CA TYR H 6 8.42 14.19 25.43
C TYR H 6 7.60 13.63 24.27
N ASP H 7 6.80 12.62 24.57
CA ASP H 7 6.14 11.85 23.54
C ASP H 7 5.39 10.80 24.28
N GLN H 8 4.15 10.55 23.91
CA GLN H 8 3.38 9.57 24.67
C GLN H 8 4.14 8.24 24.66
N ALA H 9 5.10 8.11 23.74
CA ALA H 9 5.85 6.86 23.64
C ALA H 9 7.24 6.91 24.30
N ALA H 10 7.55 8.03 24.94
CA ALA H 10 8.79 8.18 25.69
C ALA H 10 9.31 6.90 26.38
N THR H 11 8.52 6.33 27.28
CA THR H 11 8.96 5.12 27.97
C THR H 11 9.30 4.00 26.99
N LEU H 12 8.41 3.71 26.05
CA LEU H 12 8.65 2.61 25.12
C LEU H 12 9.96 2.82 24.42
N ARG H 13 10.16 4.04 23.92
CA ARG H 13 11.37 4.38 23.20
C ARG H 13 12.58 4.04 24.05
N ALA H 14 12.57 4.51 25.28
CA ALA H 14 13.65 4.23 26.24
C ALA H 14 13.89 2.74 26.45
N LYS H 15 12.84 1.94 26.46
CA LYS H 15 13.00 0.51 26.65
C LYS H 15 13.70 -0.11 25.44
N MET H 16 13.33 0.35 24.24
CA MET H 16 13.91 -0.17 23.01
C MET H 16 15.37 0.25 22.87
N GLU H 17 15.69 1.48 23.26
CA GLU H 17 17.08 1.93 23.28
C GLU H 17 17.94 1.00 24.15
N LYS H 18 17.37 0.56 25.27
CA LYS H 18 18.09 -0.26 26.25
C LYS H 18 18.31 -1.65 25.69
N ARG H 19 17.28 -2.19 25.06
CA ARG H 19 17.39 -3.50 24.41
C ARG H 19 18.55 -3.50 23.42
N GLU H 20 18.54 -2.50 22.54
CA GLU H 20 19.60 -2.27 21.57
C GLU H 20 20.99 -2.31 22.21
N ARG H 21 21.11 -1.75 23.42
CA ARG H 21 22.39 -1.67 24.12
C ARG H 21 22.92 -3.06 24.50
PB GDP I . 12.09 -9.68 -14.21
O1B GDP I . 11.42 -8.39 -14.59
O2B GDP I . 13.56 -9.52 -14.46
O3B GDP I . 11.83 -9.88 -12.74
O3A GDP I . 11.60 -10.97 -15.08
PA GDP I . 10.52 -12.09 -14.56
O1A GDP I . 11.04 -12.82 -13.34
O2A GDP I . 9.16 -11.51 -14.33
O5' GDP I . 10.37 -13.11 -15.79
C5' GDP I . 9.59 -12.80 -16.94
C4' GDP I . 9.37 -14.10 -17.72
O4' GDP I . 10.61 -14.78 -17.99
C3' GDP I . 8.54 -15.05 -16.89
O3' GDP I . 7.67 -15.75 -17.77
C2' GDP I . 9.55 -16.02 -16.35
O2' GDP I . 8.90 -17.26 -15.98
C1' GDP I . 10.48 -16.13 -17.54
N9 GDP I . 11.78 -16.77 -17.21
C8 GDP I . 12.53 -16.50 -16.13
N7 GDP I . 13.65 -17.25 -16.12
C5 GDP I . 13.63 -18.03 -17.20
C6 GDP I . 14.52 -19.04 -17.78
O6 GDP I . 15.58 -19.36 -17.22
N1 GDP I . 14.15 -19.61 -18.92
C2 GDP I . 13.01 -19.31 -19.55
N2 GDP I . 12.74 -19.96 -20.70
N3 GDP I . 12.16 -18.38 -19.07
C4 GDP I . 12.41 -17.71 -17.92
MG MG J . 11.03 -8.08 -11.61
AL AF3 K . 10.69 -6.56 -14.50
F1 AF3 K . 10.70 -6.70 -16.12
F2 AF3 K . 12.08 -6.20 -13.69
F3 AF3 K . 9.28 -6.81 -13.74
S SO4 L . 13.27 2.15 -18.53
O1 SO4 L . 14.02 3.17 -17.82
O2 SO4 L . 13.15 2.47 -19.95
O3 SO4 L . 13.95 0.88 -18.35
O4 SO4 L . 11.93 2.08 -17.95
S SO4 M . 25.60 -11.54 -30.35
O1 SO4 M . 25.68 -10.23 -29.73
O2 SO4 M . 25.96 -11.43 -31.77
O3 SO4 M . 26.50 -12.48 -29.68
O4 SO4 M . 24.22 -11.99 -30.24
S SO4 N . 30.39 -28.44 -13.84
O1 SO4 N . 30.72 -27.09 -14.31
O2 SO4 N . 30.84 -29.43 -14.84
O3 SO4 N . 31.07 -28.66 -12.56
O4 SO4 N . 28.94 -28.55 -13.69
S SO4 O . 37.60 -24.60 -14.16
O1 SO4 O . 38.33 -23.33 -14.28
O2 SO4 O . 36.98 -24.91 -15.44
O3 SO4 O . 38.52 -25.67 -13.81
O4 SO4 O . 36.55 -24.53 -13.15
S SO4 P . 24.28 -5.16 7.58
O1 SO4 P . 25.07 -3.93 7.69
O2 SO4 P . 23.92 -5.41 6.19
O3 SO4 P . 25.02 -6.33 8.05
O4 SO4 P . 23.04 -4.99 8.34
PB GDP Q . 5.37 -10.29 -21.30
O1B GDP Q . 5.73 -10.68 -22.71
O2B GDP Q . 3.89 -10.00 -21.23
O3B GDP Q . 5.77 -11.35 -20.32
O3A GDP Q . 6.25 -9.05 -20.83
PA GDP Q . 5.76 -7.88 -19.85
O1A GDP Q . 4.57 -7.16 -20.46
O2A GDP Q . 5.52 -8.29 -18.41
O5' GDP Q . 7.11 -7.03 -19.95
C5' GDP Q . 8.20 -7.45 -19.14
C4' GDP Q . 9.08 -6.26 -18.81
O4' GDP Q . 9.54 -5.62 -20.01
C3' GDP Q . 8.33 -5.19 -18.04
O3' GDP Q . 9.25 -4.56 -17.18
C2' GDP Q . 8.00 -4.18 -19.08
O2' GDP Q . 7.78 -2.93 -18.45
C1' GDP Q . 9.24 -4.22 -19.94
N9 GDP Q . 9.06 -3.65 -21.31
C8 GDP Q . 8.08 -3.93 -22.18
N7 GDP Q . 8.22 -3.22 -23.33
C5 GDP Q . 9.34 -2.47 -23.20
C6 GDP Q . 10.07 -1.50 -24.03
O6 GDP Q . 9.67 -1.21 -25.18
N1 GDP Q . 11.18 -0.95 -23.52
C2 GDP Q . 11.64 -1.25 -22.30
N2 GDP Q . 12.78 -0.67 -21.85
N3 GDP Q . 11.01 -2.13 -21.49
C4 GDP Q . 9.88 -2.76 -21.88
MG MG R . 2.63 -12.20 -20.61
AL AF3 S . 5.45 -13.26 -19.74
F1 AF3 S . 7.05 -13.33 -19.38
F2 AF3 S . 4.88 -13.80 -21.19
F3 AF3 S . 4.44 -12.60 -18.61
S SO4 T . 8.81 -22.58 -21.49
O1 SO4 T . 9.39 -21.73 -22.52
O2 SO4 T . 8.01 -23.62 -22.10
O3 SO4 T . 9.91 -23.18 -20.72
O4 SO4 T . 7.91 -21.78 -20.66
S SO4 U . 22.62 -10.55 -33.75
O1 SO4 U . 23.40 -9.33 -33.94
O2 SO4 U . 21.57 -10.54 -34.76
O3 SO4 U . 23.44 -11.76 -33.89
O4 SO4 U . 21.99 -10.58 -32.43
S SO4 V . -15.51 -13.39 -34.86
O1 SO4 V . -14.43 -12.42 -34.91
O2 SO4 V . -16.15 -13.52 -36.17
O3 SO4 V . -14.99 -14.70 -34.47
O4 SO4 V . -16.47 -12.93 -33.86
PB GDP W . -8.12 15.39 18.32
O1B GDP W . -9.27 16.09 19.01
O2B GDP W . -7.30 16.31 17.46
O3B GDP W . -7.16 14.97 19.38
O3A GDP W . -8.69 14.04 17.57
PA GDP W . -9.02 13.90 15.98
O1A GDP W . -9.39 15.22 15.32
O2A GDP W . -7.88 13.26 15.24
O5' GDP W . -10.28 12.90 15.94
C5' GDP W . -10.24 11.55 16.38
C4' GDP W . -11.35 10.82 15.64
O4' GDP W . -12.65 11.46 15.79
C3' GDP W . -11.10 10.78 14.15
O3' GDP W . -11.54 9.51 13.70
C2' GDP W . -12.09 11.75 13.57
O2' GDP W . -12.35 11.46 12.20
C1' GDP W . -13.27 11.50 14.49
N9 GDP W . -14.30 12.58 14.44
C8 GDP W . -14.05 13.90 14.52
N7 GDP W . -15.18 14.63 14.44
C5 GDP W . -16.20 13.77 14.34
C6 GDP W . -17.66 13.90 14.25
O6 GDP W . -18.20 15.02 14.25
N1 GDP W . -18.38 12.77 14.16
C2 GDP W . -17.81 11.56 14.16
N2 GDP W . -18.63 10.47 14.07
N3 GDP W . -16.47 11.38 14.24
C4 GDP W . -15.63 12.43 14.34
MG MG X . -4.50 16.39 17.69
AL AF3 Y . -5.67 14.20 20.28
F1 AF3 Y . -6.89 13.74 21.27
F2 AF3 Y . -5.04 15.71 20.43
F3 AF3 Y . -5.12 13.16 19.15
S SO4 Z . -3.23 13.30 29.94
O1 SO4 Z . -2.26 14.20 30.55
O2 SO4 Z . -2.54 12.43 28.98
O3 SO4 Z . -3.83 12.47 30.98
O4 SO4 Z . -4.26 14.09 29.24
S SO4 AA . -25.08 12.50 30.77
O1 SO4 AA . -25.78 13.78 30.59
O2 SO4 AA . -24.13 12.31 29.68
O3 SO4 AA . -24.35 12.46 32.05
O4 SO4 AA . -26.03 11.40 30.70
S SO4 BA . -8.90 41.15 16.66
O1 SO4 BA . -8.48 42.35 17.38
O2 SO4 BA . -8.01 40.94 15.51
O3 SO4 BA . -8.85 40.01 17.60
O4 SO4 BA . -10.24 41.33 16.12
S SO4 CA . -1.16 39.64 17.28
O1 SO4 CA . -0.21 39.69 16.18
O2 SO4 CA . -1.67 38.27 17.32
O3 SO4 CA . -0.53 40.03 18.56
O4 SO4 CA . -2.27 40.56 17.01
PB GDP DA . -8.40 5.44 18.10
O1B GDP DA . -9.20 4.45 18.89
O2B GDP DA . -7.30 4.72 17.36
O3B GDP DA . -9.32 6.11 17.13
O3A GDP DA . -7.84 6.58 19.10
PA GDP DA . -6.28 6.87 19.42
O1A GDP DA . -5.46 5.63 19.71
O2A GDP DA . -5.70 7.70 18.29
O5' GDP DA . -6.39 7.76 20.74
C5' GDP DA . -6.72 9.13 20.55
C4' GDP DA . -6.32 9.95 21.76
O4' GDP DA . -6.79 9.31 22.94
C3' GDP DA . -4.82 10.05 21.91
O3' GDP DA . -4.54 11.36 22.39
C2' GDP DA . -4.52 9.06 23.01
O2' GDP DA . -3.31 9.41 23.69
C1' GDP DA . -5.73 9.26 23.89
N9 GDP DA . -5.92 8.15 24.85
C8 GDP DA . -5.98 6.85 24.53
N7 GDP DA . -6.15 6.10 25.65
C5 GDP DA . -6.23 6.94 26.70
C6 GDP DA . -6.42 6.79 28.15
O6 GDP DA . -6.54 5.67 28.66
N1 GDP DA . -6.41 7.89 28.90
C2 GDP DA . -6.27 9.12 28.37
N2 GDP DA . -6.30 10.19 29.20
N3 GDP DA . -6.10 9.33 27.04
C4 GDP DA . -6.07 8.28 26.17
MG MG EA . -7.30 4.52 14.75
AL AF3 FA . -9.59 6.64 15.05
F1 AF3 FA . -10.77 7.69 14.65
F2 AF3 FA . -9.96 5.05 15.23
F3 AF3 FA . -8.08 7.21 15.24
S SO4 GA . -18.47 7.44 10.61
O1 SO4 GA . -17.25 7.84 9.91
O2 SO4 GA . -19.12 6.44 9.78
O3 SO4 GA . -18.11 6.89 11.90
O4 SO4 GA . -19.37 8.56 10.83
S SO4 HA . -24.28 8.22 31.71
O1 SO4 HA . -23.12 8.33 30.84
O2 SO4 HA . -24.43 6.81 32.07
O3 SO4 HA . -24.04 9.01 32.92
O4 SO4 HA . -25.47 8.70 31.01
S SO4 IA . 15.17 -7.76 29.45
O1 SO4 IA . 16.51 -7.51 28.91
O2 SO4 IA . 14.21 -7.36 28.42
O3 SO4 IA . 14.98 -9.19 29.76
O4 SO4 IA . 14.99 -6.93 30.65
#